data_2X3J
#
_entry.id   2X3J
#
_cell.length_a   57.704
_cell.length_b   71.521
_cell.length_c   95.595
_cell.angle_alpha   97.26
_cell.angle_beta   101.97
_cell.angle_gamma   91.01
#
_symmetry.space_group_name_H-M   'P 1'
#
loop_
_entity.id
_entity.type
_entity.pdbx_description
1 polymer ACSD
2 non-polymer "ADENOSINE-5'-TRIPHOSPHATE"
3 non-polymer 'MAGNESIUM ION'
4 non-polymer GLYCEROL
5 non-polymer '(2S)-2-{2-[(2-AMINOETHYL)AMINO]-2-OXOETHYL}-2-HYDROXYBUTANEDIOIC ACID'
6 water water
#
_entity_poly.entity_id   1
_entity_poly.type   'polypeptide(L)'
_entity_poly.pdbx_seq_one_letter_code
;MNNRNHDVLSRMISEKAALHGLLNCLIKEFAIPEGYLRYEWPDEMKGIPPGAYFDGADWKGIPMMIGLPDQLQLFVMVDR
RDTFGSQHYLSDVYLRQAQGDWQCPDFEPLVARLLAACEHIAGRKNPELYEQILQSQRLVSAIVSHNGRQRADAPLQHYL
QSEQGLWFGHPSHPAPKARLWPAHLGQEQWAPEFQARAALHQFEVPVDGLHIGANGLTPQQVLDGFADQQPASPGHAIIC
MHPVQAQLFMQDARVQQLLRDNVIRDLGQSGRVASPTASIRTWFIDDHDYFIKGSLNVRITNCVRKNAWYELESTVLIDR
LFRQLLDQHADTLGGLVAAAEPGVVSWSPAAAGELDSHWFREQTGGILRENFCRRTGAERSIMAGTLFARGVDLQPMIQT
FLRTHYGEALDDNALLYWFDDYQTRLLRPVLSLFFNHGVVMEPHLQNSVLVHQQGRPQQVLLRDFEGVKLTDDLGIRYID
DDIHPRVRQSLLYSREQGWNRIMYCLFINHLSETILALSQGRPQLAPLMWRRVQQQLRAIQGELKQPSPELDALIAGHPV
ACKTNLKVRLAAEADRQASYVRLPSPWGHAVQHGSEVQHDERRHGDVRHEEARHGEVQHG
;
_entity_poly.pdbx_strand_id   A,B
#
loop_
_chem_comp.id
_chem_comp.type
_chem_comp.name
_chem_comp.formula
ATP non-polymer ADENOSINE-5'-TRIPHOSPHATE 'C10 H16 N5 O13 P3'
GOL non-polymer GLYCEROL 'C3 H8 O3'
MG non-polymer 'MAGNESIUM ION' 'Mg 2'
X3J non-polymer '(2S)-2-{2-[(2-AMINOETHYL)AMINO]-2-OXOETHYL}-2-HYDROXYBUTANEDIOIC ACID' 'C8 H14 N2 O6'
#
# COMPACT_ATOMS: atom_id res chain seq x y z
N ASN A 3 -10.48 -18.26 12.31
CA ASN A 3 -10.45 -19.68 11.85
C ASN A 3 -10.74 -19.79 10.37
N ARG A 4 -10.20 -20.83 9.73
CA ARG A 4 -10.40 -21.13 8.31
C ARG A 4 -9.84 -20.01 7.41
N ASN A 5 -10.42 -18.81 7.51
CA ASN A 5 -9.87 -17.60 6.92
C ASN A 5 -8.48 -17.31 7.52
N HIS A 6 -8.35 -17.57 8.82
CA HIS A 6 -7.10 -17.47 9.55
C HIS A 6 -6.05 -18.48 9.02
N ASP A 7 -6.51 -19.65 8.59
CA ASP A 7 -5.65 -20.69 8.03
C ASP A 7 -5.07 -20.31 6.67
N VAL A 8 -5.91 -19.79 5.78
CA VAL A 8 -5.44 -19.33 4.47
C VAL A 8 -4.46 -18.18 4.64
N LEU A 9 -4.81 -17.24 5.50
CA LEU A 9 -4.01 -16.05 5.77
C LEU A 9 -2.64 -16.44 6.30
N SER A 10 -2.62 -17.26 7.35
CA SER A 10 -1.36 -17.78 7.92
C SER A 10 -0.52 -18.44 6.84
N ARG A 11 -1.15 -19.28 6.03
CA ARG A 11 -0.49 -19.89 4.88
C ARG A 11 0.15 -18.85 3.94
N MET A 12 -0.63 -17.86 3.51
CA MET A 12 -0.14 -16.88 2.55
C MET A 12 1.00 -16.04 3.13
N ILE A 13 0.89 -15.68 4.42
CA ILE A 13 1.99 -15.05 5.16
C ILE A 13 3.26 -15.91 5.15
N SER A 14 3.14 -17.21 5.47
CA SER A 14 4.31 -18.12 5.47
C SER A 14 4.92 -18.25 4.08
N GLU A 15 4.07 -18.34 3.06
CA GLU A 15 4.55 -18.45 1.68
C GLU A 15 5.31 -17.22 1.23
N LYS A 16 4.78 -16.04 1.51
CA LYS A 16 5.47 -14.78 1.20
C LYS A 16 6.83 -14.69 1.92
N ALA A 17 6.87 -15.08 3.19
CA ALA A 17 8.10 -14.99 3.98
C ALA A 17 9.19 -15.96 3.53
N ALA A 18 8.79 -17.20 3.28
CA ALA A 18 9.68 -18.26 2.78
C ALA A 18 10.25 -17.87 1.43
N LEU A 19 9.39 -17.35 0.55
CA LEU A 19 9.79 -16.87 -0.78
C LEU A 19 10.82 -15.75 -0.68
N HIS A 20 10.58 -14.82 0.24
CA HIS A 20 11.49 -13.69 0.41
C HIS A 20 12.86 -14.12 0.87
N GLY A 21 12.91 -15.14 1.73
CA GLY A 21 14.19 -15.76 2.10
C GLY A 21 14.90 -16.43 0.93
N LEU A 22 14.14 -17.13 0.11
CA LEU A 22 14.69 -17.77 -1.09
C LEU A 22 15.20 -16.75 -2.10
N LEU A 23 14.46 -15.66 -2.27
CA LEU A 23 14.90 -14.53 -3.10
C LEU A 23 16.20 -13.92 -2.58
N ASN A 24 16.25 -13.65 -1.28
CA ASN A 24 17.50 -13.20 -0.64
C ASN A 24 18.70 -14.03 -1.08
N CYS A 25 18.57 -15.36 -0.99
CA CYS A 25 19.68 -16.26 -1.36
C CYS A 25 20.01 -16.12 -2.83
N LEU A 26 18.97 -16.16 -3.67
CA LEU A 26 19.16 -16.07 -5.12
C LEU A 26 19.94 -14.81 -5.52
N ILE A 27 19.58 -13.70 -4.88
CA ILE A 27 20.15 -12.40 -5.19
C ILE A 27 21.58 -12.27 -4.62
N LYS A 28 21.79 -12.68 -3.37
CA LYS A 28 23.09 -12.51 -2.75
C LYS A 28 24.12 -13.48 -3.35
N GLU A 29 23.70 -14.72 -3.62
CA GLU A 29 24.64 -15.81 -3.90
C GLU A 29 24.90 -16.05 -5.38
N PHE A 30 23.93 -15.65 -6.21
CA PHE A 30 24.00 -15.85 -7.66
C PHE A 30 23.86 -14.54 -8.43
N ALA A 31 22.71 -13.87 -8.34
CA ALA A 31 22.38 -12.76 -9.23
C ALA A 31 23.38 -11.61 -9.20
N ILE A 32 23.71 -11.15 -8.00
CA ILE A 32 24.66 -10.07 -7.85
C ILE A 32 26.10 -10.45 -8.20
N PRO A 33 26.67 -11.49 -7.55
CA PRO A 33 28.10 -11.75 -7.81
C PRO A 33 28.39 -12.19 -9.25
N GLU A 34 27.40 -12.76 -9.91
CA GLU A 34 27.61 -13.26 -11.26
C GLU A 34 27.04 -12.33 -12.33
N GLY A 35 26.50 -11.20 -11.89
CA GLY A 35 26.05 -10.13 -12.79
C GLY A 35 24.78 -10.43 -13.58
N TYR A 36 23.81 -11.06 -12.93
CA TYR A 36 22.55 -11.39 -13.58
C TYR A 36 21.43 -10.37 -13.29
N LEU A 37 21.73 -9.35 -12.50
CA LEU A 37 20.71 -8.46 -11.96
C LEU A 37 20.68 -7.08 -12.64
N ARG A 38 19.48 -6.63 -13.00
CA ARG A 38 19.30 -5.30 -13.58
C ARG A 38 18.12 -4.59 -12.94
N TYR A 39 18.30 -3.30 -12.63
CA TYR A 39 17.21 -2.46 -12.19
C TYR A 39 16.60 -1.76 -13.40
N GLU A 40 15.83 -2.51 -14.17
CA GLU A 40 15.24 -2.04 -15.44
C GLU A 40 13.85 -2.63 -15.61
N TRP A 41 13.00 -1.94 -16.36
CA TRP A 41 11.70 -2.50 -16.75
C TRP A 41 11.86 -3.48 -17.92
N PRO A 42 11.11 -4.60 -17.90
CA PRO A 42 11.03 -5.42 -19.11
C PRO A 42 10.54 -4.61 -20.31
N ASP A 43 11.06 -4.88 -21.51
CA ASP A 43 10.58 -4.23 -22.73
C ASP A 43 9.15 -4.60 -23.04
N GLU A 44 8.78 -5.84 -22.71
CA GLU A 44 7.41 -6.27 -22.82
C GLU A 44 6.91 -6.67 -21.42
N MET A 45 5.74 -6.16 -21.03
CA MET A 45 5.20 -6.40 -19.67
C MET A 45 4.03 -7.38 -19.66
N LYS A 46 3.58 -7.81 -20.83
CA LYS A 46 2.41 -8.68 -20.95
C LYS A 46 2.46 -9.85 -19.97
N GLY A 47 1.35 -10.05 -19.26
CA GLY A 47 1.28 -11.03 -18.19
C GLY A 47 1.34 -10.41 -16.79
N ILE A 48 2.03 -9.27 -16.66
CA ILE A 48 2.13 -8.55 -15.38
C ILE A 48 1.00 -7.51 -15.28
N PRO A 49 0.12 -7.67 -14.29
CA PRO A 49 -1.02 -6.77 -14.14
C PRO A 49 -0.57 -5.39 -13.62
N PRO A 50 -1.27 -4.30 -14.05
CA PRO A 50 -0.84 -2.93 -13.74
C PRO A 50 -0.66 -2.70 -12.23
N GLY A 51 -1.55 -3.27 -11.41
CA GLY A 51 -1.46 -3.17 -9.96
C GLY A 51 -0.25 -3.81 -9.30
N ALA A 52 0.51 -4.64 -10.03
CA ALA A 52 1.75 -5.20 -9.47
C ALA A 52 2.81 -4.13 -9.30
N TYR A 53 2.81 -3.15 -10.18
CA TYR A 53 3.92 -2.21 -10.22
C TYR A 53 3.51 -0.73 -10.19
N PHE A 54 2.21 -0.46 -10.26
CA PHE A 54 1.69 0.89 -10.34
C PHE A 54 0.57 1.04 -9.29
N ASP A 55 0.66 2.07 -8.45
CA ASP A 55 -0.27 2.22 -7.33
C ASP A 55 -1.42 3.23 -7.59
N GLY A 56 -1.50 3.75 -8.81
CA GLY A 56 -2.53 4.73 -9.13
C GLY A 56 -1.95 6.12 -9.33
N ALA A 57 -0.77 6.38 -8.77
CA ALA A 57 -0.06 7.66 -8.93
C ALA A 57 1.39 7.53 -9.36
N ASP A 58 2.05 6.43 -8.99
CA ASP A 58 3.48 6.28 -9.22
C ASP A 58 3.86 4.81 -9.22
N TRP A 59 5.11 4.51 -9.57
CA TRP A 59 5.60 3.15 -9.56
C TRP A 59 5.78 2.70 -8.13
N LYS A 60 5.52 1.42 -7.89
CA LYS A 60 5.73 0.82 -6.57
C LYS A 60 7.21 0.46 -6.36
N GLY A 61 8.04 1.48 -6.30
CA GLY A 61 9.47 1.28 -6.15
C GLY A 61 10.20 1.16 -7.47
N ILE A 62 11.18 0.25 -7.50
CA ILE A 62 12.17 0.10 -8.58
C ILE A 62 12.01 -1.29 -9.16
N PRO A 63 11.98 -1.41 -10.50
CA PRO A 63 11.92 -2.75 -11.08
C PRO A 63 13.26 -3.48 -10.89
N MET A 64 13.21 -4.76 -10.55
CA MET A 64 14.41 -5.60 -10.51
C MET A 64 14.19 -6.75 -11.50
N MET A 65 15.14 -6.94 -12.41
CA MET A 65 15.11 -8.07 -13.34
C MET A 65 16.34 -8.95 -13.13
N ILE A 66 16.12 -10.26 -13.11
CA ILE A 66 17.22 -11.22 -13.02
C ILE A 66 17.15 -12.16 -14.22
N GLY A 67 18.20 -12.17 -15.03
CA GLY A 67 18.24 -13.04 -16.20
C GLY A 67 18.99 -14.31 -15.85
N LEU A 68 18.27 -15.43 -15.85
CA LEU A 68 18.82 -16.73 -15.45
C LEU A 68 18.98 -17.67 -16.67
N PRO A 69 19.67 -18.81 -16.49
CA PRO A 69 19.83 -19.85 -17.54
C PRO A 69 18.48 -20.33 -18.10
N ASP A 70 18.51 -21.26 -19.05
CA ASP A 70 17.29 -21.83 -19.66
C ASP A 70 16.36 -20.76 -20.23
N GLN A 71 16.88 -19.53 -20.35
CA GLN A 71 16.11 -18.41 -20.88
C GLN A 71 14.95 -18.01 -19.95
N LEU A 72 15.19 -18.17 -18.65
CA LEU A 72 14.23 -17.75 -17.62
C LEU A 72 14.57 -16.34 -17.10
N GLN A 73 13.54 -15.50 -16.98
CA GLN A 73 13.67 -14.19 -16.35
C GLN A 73 12.71 -14.03 -15.17
N LEU A 74 13.18 -13.29 -14.17
CA LEU A 74 12.40 -12.99 -12.98
C LEU A 74 12.20 -11.48 -12.93
N PHE A 75 11.00 -11.06 -12.54
CA PHE A 75 10.67 -9.67 -12.32
C PHE A 75 10.05 -9.54 -10.95
N VAL A 76 10.53 -8.56 -10.18
CA VAL A 76 9.93 -8.20 -8.90
C VAL A 76 10.22 -6.73 -8.64
N MET A 77 9.29 -6.04 -7.98
CA MET A 77 9.48 -4.63 -7.64
C MET A 77 10.13 -4.56 -6.28
N VAL A 78 11.09 -3.64 -6.09
CA VAL A 78 11.82 -3.50 -4.82
C VAL A 78 11.86 -2.03 -4.35
N ASP A 79 12.15 -1.81 -3.06
CA ASP A 79 12.16 -0.43 -2.55
C ASP A 79 13.47 0.28 -2.75
N ARG A 80 14.52 -0.46 -3.15
CA ARG A 80 15.86 0.10 -3.21
C ARG A 80 16.80 -0.75 -4.02
N ARG A 81 17.82 -0.10 -4.57
CA ARG A 81 19.04 -0.75 -5.07
C ARG A 81 19.97 -0.96 -3.88
N ASP A 82 20.59 -2.12 -3.82
CA ASP A 82 21.44 -2.49 -2.69
C ASP A 82 22.51 -3.48 -3.12
N THR A 83 23.76 -3.18 -2.80
CA THR A 83 24.88 -4.03 -3.22
C THR A 83 24.96 -5.35 -2.45
N PHE A 84 24.32 -5.40 -1.28
CA PHE A 84 24.27 -6.61 -0.46
C PHE A 84 22.99 -7.44 -0.69
N GLY A 85 22.18 -7.06 -1.66
CA GLY A 85 20.89 -7.73 -1.86
C GLY A 85 19.91 -7.59 -0.71
N SER A 86 19.97 -6.47 0.01
CA SER A 86 18.99 -6.15 1.05
C SER A 86 17.97 -5.13 0.55
N GLN A 87 16.73 -5.57 0.39
CA GLN A 87 15.65 -4.70 -0.05
C GLN A 87 14.33 -5.28 0.40
N HIS A 88 13.29 -4.45 0.41
CA HIS A 88 11.93 -4.91 0.60
C HIS A 88 11.31 -5.16 -0.76
N TYR A 89 10.66 -6.32 -0.90
CA TYR A 89 9.99 -6.70 -2.14
C TYR A 89 8.56 -6.13 -2.11
N LEU A 90 8.26 -5.29 -3.10
CA LEU A 90 7.01 -4.54 -3.15
C LEU A 90 5.97 -5.14 -4.09
N SER A 91 6.32 -6.25 -4.75
CA SER A 91 5.33 -6.97 -5.58
C SER A 91 5.47 -8.49 -5.47
N ASP A 92 4.51 -9.20 -6.06
CA ASP A 92 4.64 -10.64 -6.29
C ASP A 92 5.77 -10.88 -7.31
N VAL A 93 6.35 -12.08 -7.27
CA VAL A 93 7.38 -12.45 -8.22
C VAL A 93 6.71 -12.90 -9.52
N TYR A 94 7.21 -12.35 -10.64
CA TYR A 94 6.76 -12.77 -11.96
C TYR A 94 7.89 -13.50 -12.66
N LEU A 95 7.53 -14.56 -13.39
CA LEU A 95 8.49 -15.35 -14.18
C LEU A 95 8.09 -15.42 -15.64
N ARG A 96 9.08 -15.30 -16.51
CA ARG A 96 8.89 -15.46 -17.94
C ARG A 96 9.92 -16.43 -18.49
N GLN A 97 9.44 -17.39 -19.29
CA GLN A 97 10.26 -18.46 -19.80
C GLN A 97 10.38 -18.33 -21.31
N ALA A 98 11.57 -17.94 -21.76
CA ALA A 98 11.91 -17.86 -23.19
C ALA A 98 11.01 -16.90 -23.97
N GLN A 99 9.97 -17.48 -24.58
CA GLN A 99 9.03 -16.76 -25.45
C GLN A 99 7.60 -16.70 -24.87
N GLY A 100 7.37 -17.31 -23.71
CA GLY A 100 6.08 -17.14 -23.04
C GLY A 100 5.87 -15.72 -22.52
N ASP A 101 4.72 -15.49 -21.89
CA ASP A 101 4.42 -14.25 -21.17
C ASP A 101 4.84 -14.36 -19.71
N TRP A 102 4.88 -13.21 -19.04
CA TRP A 102 5.06 -13.16 -17.59
C TRP A 102 3.89 -13.87 -16.90
N GLN A 103 4.23 -14.67 -15.88
CA GLN A 103 3.24 -15.40 -15.10
C GLN A 103 3.58 -15.25 -13.63
N CYS A 104 2.58 -15.45 -12.78
CA CYS A 104 2.79 -15.46 -11.35
C CYS A 104 2.48 -16.87 -10.82
N PRO A 105 3.50 -17.73 -10.68
CA PRO A 105 3.27 -19.10 -10.22
C PRO A 105 2.87 -19.17 -8.74
N ASP A 106 2.15 -20.22 -8.37
CA ASP A 106 1.91 -20.54 -6.97
C ASP A 106 3.23 -20.87 -6.26
N PHE A 107 3.20 -20.84 -4.93
CA PHE A 107 4.40 -21.04 -4.12
C PHE A 107 5.27 -22.24 -4.50
N GLU A 108 4.69 -23.44 -4.51
CA GLU A 108 5.49 -24.64 -4.81
C GLU A 108 6.14 -24.59 -6.22
N PRO A 109 5.36 -24.34 -7.29
CA PRO A 109 5.92 -24.25 -8.63
C PRO A 109 6.98 -23.17 -8.75
N LEU A 110 6.81 -22.07 -8.02
CA LEU A 110 7.76 -20.97 -8.02
C LEU A 110 9.07 -21.38 -7.35
N VAL A 111 8.96 -22.05 -6.21
CA VAL A 111 10.10 -22.62 -5.51
C VAL A 111 10.84 -23.59 -6.42
N ALA A 112 10.10 -24.51 -7.02
CA ALA A 112 10.64 -25.50 -7.93
C ALA A 112 11.44 -24.87 -9.06
N ARG A 113 10.90 -23.83 -9.67
CA ARG A 113 11.52 -23.19 -10.81
C ARG A 113 12.76 -22.39 -10.45
N LEU A 114 12.72 -21.66 -9.33
CA LEU A 114 13.87 -20.89 -8.86
C LEU A 114 15.02 -21.81 -8.44
N LEU A 115 14.68 -22.85 -7.69
CA LEU A 115 15.69 -23.83 -7.29
C LEU A 115 16.28 -24.50 -8.53
N ALA A 116 15.43 -24.88 -9.48
CA ALA A 116 15.90 -25.51 -10.72
C ALA A 116 16.89 -24.61 -11.43
N ALA A 117 16.64 -23.29 -11.39
CA ALA A 117 17.55 -22.32 -11.98
C ALA A 117 18.91 -22.34 -11.29
N CYS A 118 18.93 -22.31 -9.95
CA CYS A 118 20.18 -22.35 -9.21
C CYS A 118 20.92 -23.68 -9.36
N GLU A 119 20.16 -24.77 -9.49
CA GLU A 119 20.70 -26.13 -9.74
C GLU A 119 21.39 -26.20 -11.11
N HIS A 120 20.80 -25.51 -12.09
CA HIS A 120 21.41 -25.33 -13.41
C HIS A 120 22.76 -24.59 -13.31
N ILE A 121 22.78 -23.43 -12.67
CA ILE A 121 24.06 -22.73 -12.45
C ILE A 121 25.09 -23.63 -11.72
N ALA A 122 24.64 -24.38 -10.71
CA ALA A 122 25.50 -25.29 -9.98
C ALA A 122 25.90 -26.58 -10.74
N GLY A 123 25.11 -26.96 -11.74
CA GLY A 123 25.31 -28.24 -12.43
C GLY A 123 24.92 -29.45 -11.58
N ARG A 124 24.29 -29.19 -10.43
CA ARG A 124 23.92 -30.22 -9.46
C ARG A 124 22.55 -29.93 -8.86
N LYS A 125 21.73 -30.98 -8.75
CA LYS A 125 20.42 -30.89 -8.12
C LYS A 125 20.45 -31.31 -6.65
N ASN A 126 19.54 -30.76 -5.86
CA ASN A 126 19.38 -31.22 -4.50
C ASN A 126 17.90 -31.29 -4.14
N PRO A 127 17.26 -32.43 -4.46
CA PRO A 127 15.84 -32.63 -4.17
C PRO A 127 15.54 -32.71 -2.68
N GLU A 128 16.53 -33.09 -1.86
CA GLU A 128 16.37 -33.06 -0.41
C GLU A 128 16.13 -31.62 0.05
N LEU A 129 16.95 -30.70 -0.44
CA LEU A 129 16.78 -29.31 -0.07
C LEU A 129 15.39 -28.81 -0.45
N TYR A 130 14.95 -29.18 -1.65
CA TYR A 130 13.63 -28.83 -2.13
C TYR A 130 12.52 -29.22 -1.13
N GLU A 131 12.55 -30.46 -0.66
CA GLU A 131 11.54 -30.92 0.31
C GLU A 131 11.70 -30.16 1.63
N GLN A 132 12.94 -29.75 1.94
CA GLN A 132 13.20 -28.99 3.17
C GLN A 132 12.65 -27.56 3.12
N ILE A 133 12.71 -26.94 1.94
CA ILE A 133 12.10 -25.63 1.70
C ILE A 133 10.59 -25.69 1.95
N LEU A 134 9.94 -26.72 1.38
CA LEU A 134 8.50 -26.90 1.52
C LEU A 134 8.12 -27.24 2.95
N GLN A 135 8.91 -28.10 3.58
CA GLN A 135 8.70 -28.47 4.96
C GLN A 135 8.88 -27.28 5.91
N SER A 136 9.87 -26.44 5.63
CA SER A 136 10.11 -25.22 6.43
C SER A 136 8.91 -24.24 6.32
N GLN A 137 8.45 -24.02 5.09
CA GLN A 137 7.30 -23.18 4.86
C GLN A 137 6.07 -23.70 5.63
N ARG A 138 5.84 -25.02 5.60
CA ARG A 138 4.64 -25.53 6.26
CA ARG A 138 4.67 -25.62 6.27
C ARG A 138 4.76 -25.37 7.78
N LEU A 139 5.97 -25.50 8.32
CA LEU A 139 6.14 -25.24 9.76
C LEU A 139 5.85 -23.77 10.05
N VAL A 140 6.35 -22.87 9.20
CA VAL A 140 6.12 -21.45 9.39
C VAL A 140 4.62 -21.15 9.35
N SER A 141 3.89 -21.80 8.44
CA SER A 141 2.44 -21.63 8.39
C SER A 141 1.77 -21.99 9.74
N ALA A 142 2.20 -23.10 10.35
CA ALA A 142 1.67 -23.54 11.64
C ALA A 142 2.06 -22.53 12.72
N ILE A 143 3.29 -22.03 12.65
CA ILE A 143 3.81 -21.01 13.57
C ILE A 143 2.98 -19.71 13.56
N VAL A 144 2.75 -19.16 12.38
CA VAL A 144 1.96 -17.94 12.23
C VAL A 144 0.52 -18.15 12.73
N SER A 145 -0.03 -19.31 12.39
CA SER A 145 -1.38 -19.68 12.79
C SER A 145 -1.50 -19.76 14.31
N HIS A 146 -0.45 -20.31 14.94
CA HIS A 146 -0.41 -20.44 16.40
C HIS A 146 -0.24 -19.11 17.11
N ASN A 147 0.43 -18.15 16.48
CA ASN A 147 0.88 -16.95 17.17
C ASN A 147 0.18 -15.64 16.76
N GLY A 148 -1.06 -15.73 16.27
CA GLY A 148 -1.81 -14.54 15.80
C GLY A 148 -2.59 -13.80 16.86
N ARG A 149 -2.13 -13.89 18.09
CA ARG A 149 -2.91 -13.44 19.23
C ARG A 149 -2.37 -12.13 19.80
N GLN A 150 -1.04 -12.06 19.89
CA GLN A 150 -0.36 -10.97 20.60
C GLN A 150 -0.15 -9.78 19.67
N ARG A 151 0.34 -8.67 20.22
CA ARG A 151 0.84 -7.56 19.42
C ARG A 151 1.97 -8.08 18.54
N ALA A 152 2.05 -7.60 17.30
CA ALA A 152 3.07 -8.07 16.36
C ALA A 152 4.48 -7.90 16.90
N ASP A 153 4.68 -6.92 17.79
CA ASP A 153 6.00 -6.67 18.38
C ASP A 153 6.21 -7.24 19.78
N ALA A 154 5.29 -8.09 20.23
CA ALA A 154 5.42 -8.76 21.53
C ALA A 154 6.74 -9.52 21.68
N PRO A 155 7.24 -10.17 20.59
CA PRO A 155 8.54 -10.83 20.75
C PRO A 155 9.66 -9.93 21.30
N LEU A 156 9.54 -8.60 21.20
CA LEU A 156 10.63 -7.72 21.62
C LEU A 156 10.54 -7.24 23.07
N GLN A 157 9.57 -7.76 23.81
CA GLN A 157 9.28 -7.27 25.15
C GLN A 157 9.98 -8.01 26.28
N HIS A 158 10.46 -9.21 26.01
CA HIS A 158 11.11 -10.06 27.02
CA HIS A 158 11.11 -10.05 27.02
C HIS A 158 12.14 -10.97 26.36
N TYR A 159 13.25 -11.23 27.06
CA TYR A 159 14.31 -12.07 26.49
C TYR A 159 13.84 -13.40 25.88
N LEU A 160 13.17 -14.23 26.67
CA LEU A 160 12.70 -15.54 26.18
C LEU A 160 11.74 -15.41 25.00
N GLN A 161 10.79 -14.49 25.09
CA GLN A 161 9.89 -14.19 23.98
C GLN A 161 10.66 -13.79 22.70
N SER A 162 11.80 -13.14 22.87
CA SER A 162 12.66 -12.79 21.73
C SER A 162 13.33 -14.04 21.16
N GLU A 163 13.62 -15.04 21.97
CA GLU A 163 14.18 -16.29 21.45
C GLU A 163 13.09 -17.12 20.78
N GLN A 164 11.88 -17.04 21.31
CA GLN A 164 10.74 -17.80 20.82
C GLN A 164 10.10 -17.21 19.57
N GLY A 165 10.26 -15.91 19.39
CA GLY A 165 9.53 -15.17 18.36
C GLY A 165 10.27 -14.89 17.09
N LEU A 166 11.27 -15.72 16.76
CA LEU A 166 11.93 -15.67 15.46
C LEU A 166 11.11 -16.53 14.49
N TRP A 167 9.91 -16.05 14.20
CA TRP A 167 8.89 -16.83 13.46
C TRP A 167 9.45 -17.41 12.19
N PHE A 168 10.23 -16.62 11.46
CA PHE A 168 10.67 -16.94 10.11
C PHE A 168 12.09 -17.48 10.00
N GLY A 169 12.84 -17.31 11.07
CA GLY A 169 14.21 -17.80 11.16
C GLY A 169 15.19 -16.97 10.37
N HIS A 170 16.36 -17.55 10.13
CA HIS A 170 17.36 -16.97 9.25
C HIS A 170 16.74 -16.35 7.99
N PRO A 171 16.94 -15.04 7.80
CA PRO A 171 16.20 -14.38 6.73
C PRO A 171 16.77 -14.61 5.32
N SER A 172 17.96 -15.22 5.24
CA SER A 172 18.61 -15.51 3.96
C SER A 172 19.06 -16.97 3.89
N HIS A 173 18.16 -17.86 4.30
CA HIS A 173 18.40 -19.28 4.26
C HIS A 173 17.21 -19.89 3.54
N PRO A 174 17.44 -20.88 2.65
CA PRO A 174 16.31 -21.46 1.89
C PRO A 174 15.30 -22.29 2.71
N ALA A 175 15.71 -22.81 3.87
CA ALA A 175 14.86 -23.65 4.71
C ALA A 175 15.15 -23.38 6.19
N PRO A 176 14.88 -22.17 6.67
CA PRO A 176 15.33 -21.81 8.02
C PRO A 176 14.72 -22.64 9.16
N LYS A 177 13.59 -23.31 8.92
CA LYS A 177 12.87 -23.99 10.01
C LYS A 177 12.91 -25.52 9.94
N ALA A 178 13.55 -26.05 8.90
CA ALA A 178 13.78 -27.49 8.76
C ALA A 178 14.74 -27.97 9.86
N ARG A 179 14.24 -28.85 10.71
CA ARG A 179 15.00 -29.46 11.81
C ARG A 179 14.89 -30.99 11.64
N LEU A 180 16.00 -31.62 11.24
CA LEU A 180 15.95 -32.96 10.65
C LEU A 180 16.07 -34.18 11.60
N TRP A 181 15.15 -34.30 12.55
CA TRP A 181 15.12 -35.47 13.42
C TRP A 181 13.91 -36.33 13.06
N PRO A 182 13.90 -37.62 13.46
CA PRO A 182 12.80 -38.50 13.10
C PRO A 182 11.44 -37.85 13.33
N ALA A 183 10.56 -37.95 12.33
CA ALA A 183 9.26 -37.27 12.34
C ALA A 183 8.39 -37.71 13.51
N HIS A 184 8.50 -38.99 13.89
CA HIS A 184 7.67 -39.53 14.95
C HIS A 184 7.91 -38.87 16.30
N LEU A 185 8.99 -38.09 16.38
CA LEU A 185 9.36 -37.42 17.62
C LEU A 185 8.63 -36.11 17.74
N GLY A 186 8.04 -35.67 16.62
CA GLY A 186 7.22 -34.44 16.57
C GLY A 186 8.07 -33.20 16.37
N GLN A 187 7.41 -32.09 16.05
CA GLN A 187 8.11 -30.82 15.83
C GLN A 187 7.74 -29.75 16.86
N GLU A 188 6.45 -29.56 17.11
CA GLU A 188 5.98 -28.46 17.95
C GLU A 188 6.41 -28.56 19.41
N GLN A 189 6.57 -29.79 19.90
CA GLN A 189 6.92 -29.90 21.30
CA GLN A 189 6.99 -30.12 21.27
C GLN A 189 8.38 -29.56 21.58
N TRP A 190 9.14 -29.27 20.51
CA TRP A 190 10.55 -28.86 20.64
C TRP A 190 10.82 -27.43 20.14
N ALA A 191 9.75 -26.77 19.68
CA ALA A 191 9.86 -25.54 18.90
C ALA A 191 9.65 -24.34 19.79
N PRO A 192 10.69 -23.47 19.93
CA PRO A 192 10.47 -22.25 20.73
C PRO A 192 9.28 -21.45 20.18
N GLU A 193 8.99 -21.57 18.88
CA GLU A 193 7.87 -20.85 18.26
C GLU A 193 6.48 -21.29 18.73
N PHE A 194 6.44 -22.45 19.40
CA PHE A 194 5.25 -22.89 20.10
C PHE A 194 5.42 -22.76 21.63
N GLN A 195 6.38 -21.94 22.06
CA GLN A 195 6.68 -21.75 23.47
C GLN A 195 6.93 -23.11 24.11
N ALA A 196 7.66 -23.97 23.42
CA ALA A 196 7.92 -25.31 23.94
C ALA A 196 8.57 -25.30 25.32
N ARG A 197 8.15 -26.27 26.13
CA ARG A 197 8.78 -26.53 27.40
C ARG A 197 8.90 -28.03 27.50
N ALA A 198 9.92 -28.51 28.21
CA ALA A 198 9.99 -29.93 28.48
C ALA A 198 10.96 -30.15 29.62
N ALA A 199 10.71 -31.20 30.39
CA ALA A 199 11.70 -31.71 31.29
C ALA A 199 12.82 -32.36 30.48
N LEU A 200 14.04 -31.96 30.77
CA LEU A 200 15.22 -32.54 30.12
C LEU A 200 15.29 -34.03 30.37
N HIS A 201 15.92 -34.75 29.45
CA HIS A 201 16.11 -36.19 29.65
C HIS A 201 17.31 -36.39 30.55
N GLN A 202 17.24 -37.39 31.43
CA GLN A 202 18.39 -37.65 32.33
C GLN A 202 18.88 -39.07 32.35
N PHE A 203 20.19 -39.21 32.51
CA PHE A 203 20.82 -40.51 32.72
C PHE A 203 21.64 -40.48 34.00
N GLU A 204 21.67 -41.58 34.73
CA GLU A 204 22.60 -41.76 35.83
C GLU A 204 23.81 -42.54 35.33
N VAL A 205 25.00 -41.98 35.54
CA VAL A 205 26.27 -42.50 35.02
C VAL A 205 27.32 -42.59 36.14
N PRO A 206 28.30 -43.51 36.02
CA PRO A 206 29.35 -43.59 37.05
C PRO A 206 30.35 -42.46 36.90
N VAL A 207 30.82 -41.92 38.03
CA VAL A 207 31.71 -40.75 38.01
C VAL A 207 33.02 -40.98 37.27
N ASP A 208 33.47 -42.23 37.18
CA ASP A 208 34.76 -42.51 36.56
C ASP A 208 34.80 -42.24 35.05
N GLY A 209 33.64 -42.11 34.41
CA GLY A 209 33.59 -41.72 32.99
C GLY A 209 33.33 -40.25 32.69
N LEU A 210 33.21 -39.43 33.74
CA LEU A 210 32.95 -38.00 33.57
C LEU A 210 34.19 -37.27 33.08
N HIS A 211 33.96 -36.28 32.21
CA HIS A 211 34.97 -35.34 31.75
C HIS A 211 34.39 -33.97 32.01
N ILE A 212 34.86 -33.32 33.07
CA ILE A 212 34.28 -32.05 33.49
C ILE A 212 35.30 -30.95 33.22
N GLY A 213 34.87 -29.88 32.58
CA GLY A 213 35.69 -28.69 32.40
C GLY A 213 35.08 -27.56 33.20
N ALA A 214 35.92 -26.81 33.92
CA ALA A 214 35.41 -25.81 34.85
C ALA A 214 36.38 -24.66 35.04
N ASN A 215 35.87 -23.45 34.93
CA ASN A 215 36.64 -22.24 35.17
C ASN A 215 35.91 -21.44 36.23
N GLY A 216 36.49 -21.39 37.44
CA GLY A 216 35.92 -20.63 38.55
C GLY A 216 34.70 -21.27 39.17
N LEU A 217 34.54 -22.57 38.89
CA LEU A 217 33.52 -23.41 39.48
C LEU A 217 34.20 -24.71 39.84
N THR A 218 33.64 -25.40 40.82
CA THR A 218 34.07 -26.75 41.11
C THR A 218 33.39 -27.71 40.11
N PRO A 219 33.99 -28.88 39.89
CA PRO A 219 33.33 -29.90 39.10
C PRO A 219 31.91 -30.14 39.59
N GLN A 220 31.71 -30.15 40.91
CA GLN A 220 30.39 -30.43 41.47
C GLN A 220 29.38 -29.34 41.13
N GLN A 221 29.84 -28.09 41.08
CA GLN A 221 28.98 -26.97 40.68
C GLN A 221 28.60 -27.03 39.19
N VAL A 222 29.51 -27.55 38.37
CA VAL A 222 29.19 -27.74 36.95
C VAL A 222 28.07 -28.77 36.85
N LEU A 223 28.25 -29.91 37.50
CA LEU A 223 27.22 -30.96 37.51
C LEU A 223 25.87 -30.42 37.97
N ASP A 224 25.84 -29.66 39.07
CA ASP A 224 24.64 -29.11 39.68
CA ASP A 224 24.57 -29.18 39.61
C ASP A 224 23.96 -28.13 38.71
N GLY A 225 24.78 -27.46 37.91
CA GLY A 225 24.25 -26.50 36.96
C GLY A 225 23.36 -27.18 35.94
N PHE A 226 23.72 -28.40 35.53
CA PHE A 226 22.89 -29.16 34.55
C PHE A 226 21.67 -29.84 35.16
N ALA A 227 21.90 -30.53 36.26
CA ALA A 227 20.88 -31.38 36.89
C ALA A 227 21.10 -31.42 38.39
N ASP A 228 20.01 -31.43 39.15
CA ASP A 228 20.06 -31.76 40.59
C ASP A 228 20.63 -33.17 40.78
N GLN A 229 21.69 -33.25 41.56
CA GLN A 229 22.47 -34.47 41.70
C GLN A 229 21.98 -35.41 42.80
N GLN A 230 20.88 -35.02 43.47
CA GLN A 230 20.35 -35.77 44.61
CA GLN A 230 20.38 -35.79 44.61
C GLN A 230 19.95 -37.21 44.25
N PRO A 231 19.17 -37.40 43.15
CA PRO A 231 18.84 -38.79 42.76
C PRO A 231 20.03 -39.74 42.50
N ALA A 232 21.25 -39.21 42.36
CA ALA A 232 22.41 -40.06 42.06
C ALA A 232 22.83 -40.92 43.25
N SER A 233 23.08 -42.19 42.99
CA SER A 233 23.60 -43.07 44.03
C SER A 233 25.09 -42.81 44.22
N PRO A 234 25.67 -43.25 45.35
CA PRO A 234 27.12 -43.08 45.54
C PRO A 234 27.90 -43.56 44.34
N GLY A 235 28.94 -42.81 43.97
CA GLY A 235 29.82 -43.17 42.85
C GLY A 235 29.24 -42.81 41.48
N HIS A 236 28.14 -42.06 41.48
CA HIS A 236 27.41 -41.71 40.25
C HIS A 236 27.01 -40.25 40.26
N ALA A 237 26.66 -39.77 39.05
CA ALA A 237 26.19 -38.40 38.85
C ALA A 237 25.03 -38.45 37.87
N ILE A 238 24.28 -37.35 37.78
CA ILE A 238 23.20 -37.24 36.81
CA ILE A 238 23.18 -37.22 36.83
C ILE A 238 23.60 -36.25 35.72
N ILE A 239 23.41 -36.67 34.47
CA ILE A 239 23.66 -35.82 33.33
C ILE A 239 22.33 -35.62 32.60
N CYS A 240 22.23 -34.55 31.82
CA CYS A 240 21.00 -34.24 31.12
CA CYS A 240 21.00 -34.22 31.11
C CYS A 240 21.23 -34.11 29.61
N MET A 241 20.16 -34.18 28.84
CA MET A 241 20.30 -34.29 27.38
C MET A 241 19.00 -33.80 26.77
N HIS A 242 19.05 -33.24 25.55
CA HIS A 242 17.84 -32.96 24.77
C HIS A 242 17.06 -34.26 24.73
N PRO A 243 15.74 -34.23 24.96
CA PRO A 243 15.04 -35.50 24.84
C PRO A 243 15.09 -36.15 23.43
N VAL A 244 15.22 -35.35 22.39
CA VAL A 244 15.38 -35.90 21.04
C VAL A 244 16.73 -36.62 20.95
N GLN A 245 17.79 -35.91 21.33
CA GLN A 245 19.14 -36.48 21.44
C GLN A 245 19.19 -37.77 22.25
N ALA A 246 18.49 -37.81 23.39
CA ALA A 246 18.44 -39.03 24.21
C ALA A 246 17.85 -40.21 23.42
N GLN A 247 16.85 -39.93 22.60
CA GLN A 247 16.25 -40.95 21.69
C GLN A 247 17.24 -41.42 20.63
N LEU A 248 17.94 -40.47 20.03
CA LEU A 248 19.00 -40.77 19.07
C LEU A 248 20.12 -41.58 19.72
N PHE A 249 20.56 -41.14 20.90
CA PHE A 249 21.63 -41.74 21.71
C PHE A 249 21.32 -43.21 21.96
N MET A 250 20.10 -43.48 22.40
CA MET A 250 19.68 -44.83 22.76
C MET A 250 19.44 -45.79 21.56
N GLN A 251 19.51 -45.30 20.32
CA GLN A 251 19.50 -46.20 19.12
C GLN A 251 20.74 -47.08 19.08
N ASP A 252 21.82 -46.55 19.62
CA ASP A 252 23.12 -47.17 19.51
C ASP A 252 23.31 -48.43 20.35
N ALA A 253 23.87 -49.46 19.71
CA ALA A 253 24.21 -50.72 20.36
C ALA A 253 25.05 -50.57 21.62
N ARG A 254 26.02 -49.65 21.58
CA ARG A 254 26.89 -49.34 22.75
C ARG A 254 26.09 -48.84 23.96
N VAL A 255 25.10 -48.01 23.69
CA VAL A 255 24.19 -47.53 24.72
C VAL A 255 23.28 -48.66 25.21
N GLN A 256 22.65 -49.37 24.26
CA GLN A 256 21.81 -50.51 24.63
C GLN A 256 22.56 -51.45 25.57
N GLN A 257 23.82 -51.73 25.26
CA GLN A 257 24.66 -52.62 26.08
C GLN A 257 24.85 -52.10 27.51
N LEU A 258 25.15 -50.81 27.65
CA LEU A 258 25.33 -50.19 28.99
C LEU A 258 24.06 -50.19 29.84
N LEU A 259 22.91 -49.97 29.19
CA LEU A 259 21.61 -50.02 29.88
C LEU A 259 21.27 -51.44 30.33
N ARG A 260 21.47 -52.40 29.43
CA ARG A 260 21.27 -53.79 29.76
C ARG A 260 22.18 -54.24 30.92
N ASP A 261 23.43 -53.79 30.94
CA ASP A 261 24.36 -54.21 32.00
C ASP A 261 24.24 -53.36 33.28
N ASN A 262 23.26 -52.46 33.30
CA ASN A 262 22.99 -51.53 34.41
C ASN A 262 24.16 -50.63 34.80
N VAL A 263 24.99 -50.29 33.81
CA VAL A 263 26.12 -49.40 34.02
C VAL A 263 25.66 -47.93 34.06
N ILE A 264 24.71 -47.60 33.17
CA ILE A 264 24.03 -46.31 33.19
C ILE A 264 22.55 -46.61 33.36
N ARG A 265 21.82 -45.63 33.89
CA ARG A 265 20.38 -45.76 34.05
CA ARG A 265 20.38 -45.75 34.06
C ARG A 265 19.67 -44.62 33.33
N ASP A 266 18.65 -44.99 32.56
CA ASP A 266 17.79 -44.05 31.87
C ASP A 266 16.75 -43.54 32.87
N LEU A 267 16.81 -42.27 33.20
CA LEU A 267 15.86 -41.72 34.17
C LEU A 267 14.71 -40.98 33.52
N GLY A 268 14.56 -41.12 32.20
CA GLY A 268 13.46 -40.45 31.47
C GLY A 268 13.56 -38.93 31.47
N GLN A 269 12.46 -38.30 31.06
CA GLN A 269 12.32 -36.84 31.06
C GLN A 269 11.97 -36.43 32.49
N SER A 270 13.01 -36.41 33.32
CA SER A 270 12.87 -36.11 34.76
C SER A 270 13.72 -34.90 35.19
N GLY A 271 14.44 -34.30 34.25
CA GLY A 271 15.29 -33.16 34.56
C GLY A 271 14.57 -31.83 34.67
N ARG A 272 15.36 -30.76 34.78
CA ARG A 272 14.81 -29.39 34.80
C ARG A 272 13.85 -29.17 33.66
N VAL A 273 12.71 -28.55 33.97
CA VAL A 273 11.75 -28.13 32.95
C VAL A 273 12.31 -26.83 32.38
N ALA A 274 12.52 -26.80 31.07
CA ALA A 274 13.27 -25.73 30.44
C ALA A 274 12.68 -25.41 29.08
N SER A 275 13.05 -24.24 28.52
CA SER A 275 12.50 -23.78 27.26
C SER A 275 13.64 -23.69 26.23
N PRO A 276 13.47 -24.35 25.07
CA PRO A 276 14.40 -24.18 23.97
C PRO A 276 14.49 -22.72 23.54
N THR A 277 15.70 -22.30 23.22
CA THR A 277 15.91 -21.00 22.61
C THR A 277 15.92 -21.20 21.08
N ALA A 278 16.22 -20.13 20.34
CA ALA A 278 16.22 -20.16 18.88
C ALA A 278 17.22 -21.15 18.30
N SER A 279 18.31 -21.44 19.01
CA SER A 279 19.25 -22.43 18.52
C SER A 279 18.82 -23.90 18.78
N ILE A 280 17.64 -24.08 19.37
CA ILE A 280 16.98 -25.37 19.54
C ILE A 280 17.59 -26.28 20.60
N ARG A 281 18.91 -26.46 20.56
CA ARG A 281 19.60 -27.32 21.53
C ARG A 281 20.18 -26.61 22.76
N THR A 282 19.95 -25.29 22.84
CA THR A 282 20.26 -24.51 24.05
C THR A 282 18.96 -24.11 24.74
N TRP A 283 18.91 -24.40 26.05
CA TRP A 283 17.70 -24.29 26.84
C TRP A 283 17.82 -23.17 27.88
N PHE A 284 16.72 -22.43 28.04
CA PHE A 284 16.62 -21.34 28.97
C PHE A 284 15.75 -21.75 30.16
N ILE A 285 16.20 -21.41 31.36
CA ILE A 285 15.39 -21.50 32.57
C ILE A 285 15.43 -20.12 33.24
N ASP A 286 14.28 -19.49 33.31
CA ASP A 286 14.11 -18.22 33.97
C ASP A 286 14.73 -18.30 35.37
N ASP A 287 15.60 -17.35 35.69
CA ASP A 287 16.19 -17.28 37.03
C ASP A 287 17.15 -18.41 37.45
N HIS A 288 17.49 -19.34 36.53
CA HIS A 288 18.61 -20.27 36.77
C HIS A 288 19.88 -19.53 36.38
N ASP A 289 21.01 -19.89 36.98
CA ASP A 289 22.26 -19.20 36.66
C ASP A 289 22.82 -19.49 35.26
N TYR A 290 22.29 -20.52 34.60
CA TYR A 290 22.88 -21.02 33.35
C TYR A 290 21.86 -21.37 32.28
N PHE A 291 22.24 -21.18 31.00
CA PHE A 291 21.61 -21.87 29.89
C PHE A 291 22.23 -23.26 29.87
N ILE A 292 21.47 -24.24 29.41
CA ILE A 292 22.02 -25.57 29.19
C ILE A 292 22.10 -25.81 27.67
N LYS A 293 23.32 -25.96 27.17
CA LYS A 293 23.54 -26.26 25.77
C LYS A 293 23.98 -27.71 25.64
N GLY A 294 23.23 -28.50 24.87
CA GLY A 294 23.53 -29.92 24.64
C GLY A 294 23.76 -30.24 23.17
N SER A 295 24.37 -31.38 22.91
CA SER A 295 24.44 -31.91 21.56
C SER A 295 23.07 -32.31 21.05
N LEU A 296 22.86 -32.08 19.77
CA LEU A 296 21.73 -32.61 19.06
C LEU A 296 22.24 -33.00 17.68
N ASN A 297 22.38 -34.32 17.45
CA ASN A 297 23.02 -34.82 16.24
C ASN A 297 22.07 -34.81 15.05
N VAL A 298 21.69 -33.61 14.64
CA VAL A 298 20.62 -33.38 13.69
C VAL A 298 21.07 -32.16 12.89
N ARG A 299 20.71 -32.12 11.61
CA ARG A 299 20.88 -30.90 10.84
C ARG A 299 19.81 -29.87 11.20
N ILE A 300 20.29 -28.65 11.44
CA ILE A 300 19.47 -27.46 11.53
C ILE A 300 20.23 -26.37 10.80
N THR A 301 19.53 -25.74 9.84
CA THR A 301 20.17 -24.91 8.82
C THR A 301 21.43 -25.60 8.31
N ASN A 302 22.58 -24.94 8.31
CA ASN A 302 23.72 -25.52 7.59
C ASN A 302 24.79 -26.30 8.37
N CYS A 303 24.34 -27.08 9.36
CA CYS A 303 25.16 -28.14 9.93
C CYS A 303 24.52 -28.93 11.06
N VAL A 304 25.16 -30.06 11.38
CA VAL A 304 24.75 -30.91 12.48
C VAL A 304 25.09 -30.24 13.80
N ARG A 305 24.14 -30.23 14.73
CA ARG A 305 24.28 -29.41 15.94
C ARG A 305 24.83 -30.20 17.14
N LYS A 306 25.87 -30.99 16.88
CA LYS A 306 26.57 -31.75 17.91
C LYS A 306 27.82 -31.00 18.36
N ASN A 307 28.20 -31.18 19.63
CA ASN A 307 29.48 -30.67 20.09
C ASN A 307 30.52 -31.79 20.01
N ALA A 308 31.46 -31.68 19.06
CA ALA A 308 32.59 -32.61 18.99
C ALA A 308 33.46 -32.57 20.26
N TRP A 309 34.13 -33.67 20.58
CA TRP A 309 34.92 -33.77 21.82
C TRP A 309 35.93 -32.63 21.93
N TYR A 310 36.60 -32.32 20.83
CA TYR A 310 37.63 -31.28 20.79
C TYR A 310 37.04 -29.89 20.91
N GLU A 311 35.76 -29.76 20.58
CA GLU A 311 35.00 -28.53 20.82
C GLU A 311 34.62 -28.38 22.27
N LEU A 312 34.28 -29.50 22.92
CA LEU A 312 34.03 -29.49 24.34
C LEU A 312 35.30 -29.06 25.07
N GLU A 313 36.45 -29.54 24.59
CA GLU A 313 37.74 -29.16 25.15
C GLU A 313 38.07 -27.70 24.85
N SER A 314 37.84 -27.28 23.61
CA SER A 314 38.18 -25.93 23.21
C SER A 314 37.30 -24.87 23.90
N THR A 315 36.07 -25.25 24.25
CA THR A 315 35.16 -24.34 24.95
C THR A 315 35.78 -23.84 26.26
N VAL A 316 36.38 -24.77 27.00
CA VAL A 316 37.06 -24.50 28.28
C VAL A 316 38.21 -23.48 28.11
N LEU A 317 39.05 -23.70 27.11
CA LEU A 317 40.17 -22.81 26.81
C LEU A 317 39.72 -21.43 26.37
N ILE A 318 38.76 -21.36 25.45
CA ILE A 318 38.24 -20.08 25.00
C ILE A 318 37.64 -19.29 26.17
N ASP A 319 36.83 -19.96 27.02
CA ASP A 319 36.25 -19.30 28.20
C ASP A 319 37.34 -18.71 29.11
N ARG A 320 38.38 -19.49 29.33
CA ARG A 320 39.55 -19.11 30.11
C ARG A 320 40.26 -17.91 29.47
N LEU A 321 40.39 -17.94 28.14
CA LEU A 321 40.99 -16.83 27.39
C LEU A 321 40.20 -15.52 27.53
N PHE A 322 38.89 -15.58 27.31
CA PHE A 322 38.06 -14.39 27.43
C PHE A 322 38.11 -13.83 28.85
N ARG A 323 38.14 -14.69 29.85
CA ARG A 323 38.25 -14.24 31.25
C ARG A 323 39.57 -13.49 31.49
N GLN A 324 40.67 -14.00 30.96
CA GLN A 324 41.96 -13.32 31.06
C GLN A 324 42.01 -12.01 30.25
N LEU A 325 41.45 -12.02 29.05
CA LEU A 325 41.37 -10.79 28.24
C LEU A 325 40.55 -9.67 28.92
N LEU A 326 39.39 -10.01 29.48
CA LEU A 326 38.51 -9.05 30.13
C LEU A 326 39.11 -8.50 31.44
N ASP A 327 39.95 -9.32 32.05
CA ASP A 327 40.63 -9.03 33.32
C ASP A 327 41.87 -8.15 33.12
N GLN A 328 42.71 -8.49 32.15
CA GLN A 328 44.03 -7.90 32.01
C GLN A 328 44.20 -7.03 30.78
N HIS A 329 43.28 -7.13 29.82
CA HIS A 329 43.43 -6.42 28.55
C HIS A 329 42.17 -5.66 28.19
N ALA A 330 41.42 -5.20 29.19
CA ALA A 330 40.16 -4.51 28.92
C ALA A 330 40.29 -3.35 27.93
N ASP A 331 41.47 -2.72 27.89
CA ASP A 331 41.65 -1.49 27.13
C ASP A 331 41.92 -1.74 25.65
N THR A 332 42.06 -3.00 25.26
CA THR A 332 42.22 -3.37 23.87
C THR A 332 41.07 -4.27 23.39
N LEU A 333 40.00 -4.33 24.17
CA LEU A 333 38.83 -5.17 23.84
C LEU A 333 37.59 -4.39 23.40
N GLY A 334 37.70 -3.07 23.27
CA GLY A 334 36.65 -2.26 22.68
C GLY A 334 35.30 -2.25 23.39
N GLY A 335 35.32 -2.50 24.69
CA GLY A 335 34.09 -2.56 25.47
C GLY A 335 33.33 -3.89 25.40
N LEU A 336 34.05 -4.98 25.18
CA LEU A 336 33.45 -6.31 25.04
C LEU A 336 32.57 -6.72 26.20
N VAL A 337 31.38 -7.18 25.85
CA VAL A 337 30.47 -7.83 26.77
C VAL A 337 30.16 -9.20 26.16
N ALA A 338 30.46 -10.26 26.89
CA ALA A 338 30.28 -11.62 26.36
C ALA A 338 29.68 -12.54 27.42
N ALA A 339 28.86 -13.49 26.99
CA ALA A 339 28.37 -14.48 27.95
C ALA A 339 29.42 -15.59 28.14
N ALA A 340 29.82 -15.79 29.39
CA ALA A 340 30.80 -16.83 29.73
C ALA A 340 30.23 -18.24 29.55
N GLU A 341 31.14 -19.20 29.36
CA GLU A 341 30.81 -20.61 29.28
C GLU A 341 31.70 -21.38 30.25
N PRO A 342 31.40 -21.27 31.57
CA PRO A 342 32.32 -21.70 32.63
C PRO A 342 32.38 -23.19 32.95
N GLY A 343 31.40 -23.96 32.45
CA GLY A 343 31.26 -25.36 32.77
C GLY A 343 30.97 -26.22 31.55
N VAL A 344 31.66 -27.35 31.44
CA VAL A 344 31.41 -28.32 30.37
C VAL A 344 31.41 -29.74 30.96
N VAL A 345 30.49 -30.58 30.50
CA VAL A 345 30.45 -31.97 30.94
C VAL A 345 30.24 -32.94 29.74
N SER A 346 30.87 -34.10 29.83
CA SER A 346 30.57 -35.23 28.94
C SER A 346 30.90 -36.52 29.68
N TRP A 347 30.42 -37.65 29.15
CA TRP A 347 30.65 -38.93 29.80
C TRP A 347 31.01 -39.94 28.72
N SER A 348 32.01 -40.78 29.01
CA SER A 348 32.28 -42.00 28.25
C SER A 348 32.69 -43.12 29.19
N PRO A 349 32.44 -44.38 28.80
CA PRO A 349 32.87 -45.46 29.70
C PRO A 349 34.39 -45.41 29.84
N ALA A 350 34.86 -45.53 31.08
CA ALA A 350 36.29 -45.40 31.40
C ALA A 350 37.20 -46.37 30.63
N ALA A 351 36.67 -47.55 30.32
CA ALA A 351 37.45 -48.58 29.62
C ALA A 351 37.32 -48.50 28.09
N ALA A 352 36.53 -47.54 27.59
CA ALA A 352 36.27 -47.44 26.16
C ALA A 352 37.53 -47.07 25.38
N GLY A 353 37.65 -47.63 24.17
CA GLY A 353 38.68 -47.20 23.24
C GLY A 353 38.42 -45.77 22.79
N GLU A 354 39.39 -45.18 22.11
CA GLU A 354 39.33 -43.77 21.69
C GLU A 354 38.12 -43.41 20.81
N LEU A 355 37.86 -44.20 19.77
CA LEU A 355 36.70 -43.95 18.89
C LEU A 355 35.38 -43.93 19.66
N ASP A 356 35.16 -44.94 20.51
CA ASP A 356 33.93 -45.03 21.32
C ASP A 356 33.85 -43.91 22.36
N SER A 357 34.99 -43.60 22.99
N SER A 357 34.98 -43.59 22.99
CA SER A 357 35.08 -42.50 23.94
CA SER A 357 35.07 -42.50 23.96
C SER A 357 34.66 -41.18 23.31
C SER A 357 34.68 -41.16 23.32
N HIS A 358 35.21 -40.91 22.12
CA HIS A 358 34.89 -39.71 21.37
C HIS A 358 33.41 -39.66 21.02
N TRP A 359 32.87 -40.78 20.54
CA TRP A 359 31.45 -40.86 20.19
C TRP A 359 30.57 -40.57 21.41
N PHE A 360 30.87 -41.26 22.52
CA PHE A 360 30.12 -41.03 23.76
C PHE A 360 30.20 -39.61 24.25
N ARG A 361 31.38 -38.99 24.18
CA ARG A 361 31.52 -37.59 24.65
C ARG A 361 30.72 -36.59 23.81
N GLU A 362 30.73 -36.77 22.49
CA GLU A 362 29.89 -35.98 21.58
C GLU A 362 28.40 -36.13 21.86
N GLN A 363 27.96 -37.36 22.14
CA GLN A 363 26.55 -37.63 22.39
C GLN A 363 26.06 -36.96 23.69
N THR A 364 26.84 -37.13 24.76
CA THR A 364 26.50 -36.67 26.11
C THR A 364 27.00 -35.27 26.45
N GLY A 365 27.69 -34.61 25.52
CA GLY A 365 28.33 -33.32 25.77
C GLY A 365 27.36 -32.20 26.16
N GLY A 366 27.70 -31.45 27.21
CA GLY A 366 26.85 -30.35 27.64
C GLY A 366 27.68 -29.15 28.05
N ILE A 367 27.14 -27.95 27.83
CA ILE A 367 27.85 -26.71 28.10
C ILE A 367 26.94 -25.80 28.91
N LEU A 368 27.50 -25.22 29.96
CA LEU A 368 26.81 -24.19 30.75
C LEU A 368 27.20 -22.82 30.23
N ARG A 369 26.20 -22.03 29.84
CA ARG A 369 26.45 -20.65 29.48
C ARG A 369 25.81 -19.78 30.55
N GLU A 370 26.55 -18.79 31.02
CA GLU A 370 26.08 -17.77 31.97
C GLU A 370 24.72 -17.22 31.51
N ASN A 371 23.68 -17.37 32.35
CA ASN A 371 22.40 -16.72 32.06
C ASN A 371 22.54 -15.20 32.32
N PHE A 372 22.86 -14.47 31.25
CA PHE A 372 23.11 -13.02 31.32
C PHE A 372 21.92 -12.19 31.79
N CYS A 373 20.71 -12.74 31.68
CA CYS A 373 19.51 -12.05 32.13
C CYS A 373 19.51 -11.73 33.63
N ARG A 374 20.25 -12.54 34.41
CA ARG A 374 20.50 -12.23 35.82
C ARG A 374 21.16 -10.84 35.95
N ARG A 375 22.20 -10.59 35.15
CA ARG A 375 22.86 -9.28 35.07
C ARG A 375 21.96 -8.26 34.38
N THR A 376 21.57 -8.57 33.13
CA THR A 376 21.05 -7.57 32.18
C THR A 376 19.54 -7.30 32.25
N GLY A 377 18.79 -8.24 32.83
CA GLY A 377 17.34 -8.12 32.95
C GLY A 377 16.58 -8.66 31.74
N ALA A 378 15.61 -9.53 32.02
CA ALA A 378 14.82 -10.18 30.98
C ALA A 378 14.05 -9.20 30.09
N GLU A 379 13.58 -8.11 30.69
CA GLU A 379 12.86 -7.06 29.95
C GLU A 379 13.76 -6.06 29.23
N ARG A 380 15.08 -6.18 29.41
CA ARG A 380 16.01 -5.27 28.75
C ARG A 380 16.86 -5.95 27.70
N SER A 381 16.68 -7.26 27.51
CA SER A 381 17.57 -8.03 26.64
C SER A 381 16.80 -8.68 25.49
N ILE A 382 17.29 -8.49 24.27
CA ILE A 382 16.60 -8.99 23.08
C ILE A 382 17.62 -9.60 22.12
N MET A 383 17.40 -10.86 21.74
CA MET A 383 18.21 -11.48 20.68
C MET A 383 18.08 -10.71 19.37
N ALA A 384 19.22 -10.40 18.75
CA ALA A 384 19.30 -9.43 17.67
C ALA A 384 18.61 -9.91 16.39
N GLY A 385 18.63 -11.21 16.12
CA GLY A 385 17.88 -11.78 14.98
C GLY A 385 16.42 -11.40 15.03
N THR A 386 15.79 -11.60 16.19
CA THR A 386 14.39 -11.19 16.43
C THR A 386 14.20 -9.65 16.44
N LEU A 387 15.10 -8.94 17.10
CA LEU A 387 15.12 -7.48 17.06
C LEU A 387 14.94 -6.92 15.64
N PHE A 388 15.65 -7.49 14.67
CA PHE A 388 15.62 -6.97 13.30
C PHE A 388 14.77 -7.83 12.33
N ALA A 389 13.83 -8.57 12.92
CA ALA A 389 12.97 -9.49 12.19
C ALA A 389 11.56 -8.95 11.93
N ARG A 390 10.81 -9.69 11.12
CA ARG A 390 9.43 -9.33 10.83
CA ARG A 390 9.42 -9.35 10.81
C ARG A 390 8.46 -10.07 11.77
N GLY A 391 7.38 -9.40 12.14
CA GLY A 391 6.38 -10.03 13.00
C GLY A 391 5.41 -10.85 12.20
N VAL A 392 4.37 -11.35 12.87
CA VAL A 392 3.34 -12.18 12.19
C VAL A 392 2.54 -11.40 11.12
N ASP A 393 2.65 -10.07 11.13
CA ASP A 393 2.10 -9.22 10.06
C ASP A 393 3.10 -8.88 8.95
N LEU A 394 4.29 -9.49 9.04
CA LEU A 394 5.36 -9.30 8.06
C LEU A 394 5.94 -7.89 8.00
N GLN A 395 5.78 -7.14 9.09
CA GLN A 395 6.39 -5.82 9.24
C GLN A 395 7.56 -5.94 10.22
N PRO A 396 8.63 -5.13 10.02
CA PRO A 396 9.74 -5.11 10.97
C PRO A 396 9.23 -4.73 12.35
N MET A 397 9.38 -5.62 13.32
CA MET A 397 8.90 -5.36 14.68
C MET A 397 9.60 -4.17 15.38
N ILE A 398 10.77 -3.78 14.89
CA ILE A 398 11.57 -2.72 15.54
C ILE A 398 10.93 -1.31 15.47
N GLN A 399 10.19 -1.05 14.40
CA GLN A 399 9.50 0.23 14.18
C GLN A 399 8.54 0.58 15.32
N THR A 400 7.62 -0.32 15.66
CA THR A 400 6.67 -0.06 16.74
C THR A 400 7.32 -0.16 18.12
N PHE A 401 8.30 -1.05 18.27
CA PHE A 401 9.08 -1.18 19.50
C PHE A 401 9.70 0.15 19.91
N LEU A 402 10.32 0.82 18.95
CA LEU A 402 11.01 2.09 19.16
C LEU A 402 10.03 3.23 19.39
N ARG A 403 8.99 3.28 18.55
CA ARG A 403 7.93 4.29 18.64
C ARG A 403 7.24 4.25 20.00
N THR A 404 7.13 3.06 20.59
CA THR A 404 6.57 2.91 21.93
C THR A 404 7.51 3.49 22.97
N HIS A 405 8.79 3.14 22.85
CA HIS A 405 9.80 3.53 23.82
C HIS A 405 10.16 5.02 23.77
N TYR A 406 10.05 5.60 22.57
CA TYR A 406 10.40 7.00 22.34
C TYR A 406 9.16 7.90 22.43
N GLY A 407 8.02 7.29 22.72
CA GLY A 407 6.74 7.99 22.87
C GLY A 407 6.19 8.65 21.62
N GLU A 408 6.91 8.56 20.50
CA GLU A 408 6.51 9.25 19.28
C GLU A 408 7.26 8.72 18.06
N ALA A 409 6.71 8.99 16.87
CA ALA A 409 7.35 8.62 15.60
C ALA A 409 8.78 9.16 15.47
N LEU A 410 9.71 8.25 15.23
CA LEU A 410 11.13 8.59 15.14
C LEU A 410 11.43 9.28 13.81
N ASP A 411 11.96 10.49 13.88
CA ASP A 411 12.40 11.17 12.67
C ASP A 411 13.74 10.60 12.22
N ASP A 412 14.19 11.01 11.04
CA ASP A 412 15.43 10.48 10.46
C ASP A 412 16.60 10.51 11.45
N ASN A 413 16.78 11.63 12.13
CA ASN A 413 17.88 11.79 13.08
C ASN A 413 17.83 10.78 14.23
N ALA A 414 16.63 10.54 14.75
CA ALA A 414 16.42 9.57 15.82
C ALA A 414 16.78 8.16 15.39
N LEU A 415 16.49 7.83 14.13
CA LEU A 415 16.84 6.54 13.55
C LEU A 415 18.35 6.39 13.28
N LEU A 416 18.97 7.46 12.75
CA LEU A 416 20.40 7.48 12.52
C LEU A 416 21.19 7.43 13.82
N TYR A 417 20.75 8.19 14.81
CA TYR A 417 21.35 8.21 16.14
C TYR A 417 21.25 6.83 16.80
N TRP A 418 20.05 6.24 16.79
CA TRP A 418 19.87 4.89 17.32
C TRP A 418 20.84 3.93 16.64
N PHE A 419 20.89 3.97 15.30
CA PHE A 419 21.73 3.06 14.56
C PHE A 419 23.20 3.22 14.91
N ASP A 420 23.63 4.48 15.04
CA ASP A 420 25.00 4.79 15.42
C ASP A 420 25.37 4.18 16.77
N ASP A 421 24.48 4.33 17.75
CA ASP A 421 24.67 3.69 19.04
C ASP A 421 24.73 2.16 18.93
N TYR A 422 23.88 1.58 18.07
CA TYR A 422 23.89 0.13 17.92
C TYR A 422 25.20 -0.35 17.28
N GLN A 423 25.54 0.21 16.12
CA GLN A 423 26.68 -0.30 15.34
C GLN A 423 28.05 -0.14 16.01
N THR A 424 28.24 0.91 16.82
CA THR A 424 29.53 1.09 17.47
C THR A 424 29.73 -0.02 18.50
N ARG A 425 28.68 -0.30 19.28
CA ARG A 425 28.68 -1.36 20.29
C ARG A 425 28.88 -2.78 19.74
N LEU A 426 28.61 -2.98 18.46
CA LEU A 426 28.87 -4.25 17.80
C LEU A 426 30.28 -4.30 17.21
N LEU A 427 30.63 -3.28 16.42
CA LEU A 427 31.88 -3.29 15.66
C LEU A 427 33.13 -3.18 16.53
N ARG A 428 33.09 -2.34 17.57
CA ARG A 428 34.29 -2.12 18.41
C ARG A 428 34.83 -3.36 19.13
N PRO A 429 33.98 -4.11 19.86
CA PRO A 429 34.52 -5.30 20.53
C PRO A 429 35.05 -6.35 19.55
N VAL A 430 34.33 -6.54 18.45
CA VAL A 430 34.66 -7.60 17.46
C VAL A 430 35.95 -7.30 16.72
N LEU A 431 36.05 -6.08 16.20
CA LEU A 431 37.25 -5.68 15.46
C LEU A 431 38.46 -5.50 16.39
N SER A 432 38.23 -5.03 17.61
CA SER A 432 39.29 -4.94 18.61
C SER A 432 39.85 -6.35 18.93
N LEU A 433 38.96 -7.30 19.22
CA LEU A 433 39.37 -8.68 19.47
C LEU A 433 40.16 -9.24 18.32
N PHE A 434 39.69 -9.00 17.10
CA PHE A 434 40.30 -9.61 15.93
C PHE A 434 41.69 -9.01 15.65
N PHE A 435 41.78 -7.69 15.53
CA PHE A 435 43.06 -7.10 15.13
C PHE A 435 44.08 -7.04 16.26
N ASN A 436 43.63 -6.76 17.47
CA ASN A 436 44.52 -6.70 18.64
C ASN A 436 44.94 -8.06 19.17
N HIS A 437 44.04 -9.04 19.15
CA HIS A 437 44.35 -10.34 19.76
C HIS A 437 44.17 -11.54 18.85
N GLY A 438 43.81 -11.31 17.59
CA GLY A 438 43.55 -12.42 16.67
C GLY A 438 42.43 -13.34 17.15
N VAL A 439 41.44 -12.80 17.86
CA VAL A 439 40.29 -13.61 18.31
C VAL A 439 39.14 -13.44 17.33
N VAL A 440 38.72 -14.57 16.74
CA VAL A 440 37.71 -14.54 15.71
C VAL A 440 36.33 -14.88 16.30
N MET A 441 35.50 -13.88 16.52
CA MET A 441 34.11 -14.12 16.94
C MET A 441 33.29 -14.53 15.72
N GLU A 442 32.07 -14.97 15.99
CA GLU A 442 31.08 -15.21 14.93
C GLU A 442 29.85 -14.34 15.21
N PRO A 443 29.96 -13.01 15.00
CA PRO A 443 28.91 -12.10 15.49
C PRO A 443 27.66 -11.99 14.61
N HIS A 444 27.12 -13.14 14.17
CA HIS A 444 25.87 -13.11 13.42
C HIS A 444 24.71 -12.76 14.34
N LEU A 445 23.52 -12.64 13.76
CA LEU A 445 22.37 -12.10 14.49
C LEU A 445 21.96 -12.92 15.72
N GLN A 446 22.13 -14.23 15.62
CA GLN A 446 21.77 -15.14 16.71
C GLN A 446 22.82 -15.24 17.81
N ASN A 447 24.05 -14.84 17.52
CA ASN A 447 25.09 -14.80 18.53
C ASN A 447 25.19 -13.44 19.23
N SER A 448 24.19 -12.60 19.00
CA SER A 448 24.16 -11.21 19.45
C SER A 448 22.86 -10.89 20.20
N VAL A 449 22.98 -10.19 21.31
CA VAL A 449 21.85 -9.86 22.18
C VAL A 449 21.96 -8.37 22.55
N LEU A 450 20.95 -7.58 22.15
CA LEU A 450 20.89 -6.18 22.52
C LEU A 450 20.42 -6.01 23.97
N VAL A 451 21.25 -5.35 24.76
CA VAL A 451 20.82 -4.83 26.07
C VAL A 451 20.46 -3.34 25.91
N HIS A 452 19.24 -2.99 26.26
CA HIS A 452 18.75 -1.64 26.02
C HIS A 452 18.24 -0.96 27.29
N GLN A 453 18.16 0.36 27.24
CA GLN A 453 17.57 1.15 28.30
C GLN A 453 16.51 2.01 27.65
N GLN A 454 15.24 1.66 27.91
CA GLN A 454 14.10 2.35 27.32
C GLN A 454 14.22 2.44 25.79
N GLY A 455 14.67 1.34 25.18
CA GLY A 455 14.81 1.26 23.73
C GLY A 455 16.18 1.66 23.20
N ARG A 456 16.98 2.33 24.03
CA ARG A 456 18.29 2.83 23.60
C ARG A 456 19.41 1.83 23.86
N PRO A 457 20.26 1.59 22.86
CA PRO A 457 21.29 0.55 23.00
C PRO A 457 22.31 0.87 24.10
N GLN A 458 22.52 -0.10 25.00
CA GLN A 458 23.56 0.03 26.03
CA GLN A 458 23.54 -0.01 26.06
C GLN A 458 24.71 -0.93 25.74
N GLN A 459 24.39 -2.20 25.48
CA GLN A 459 25.40 -3.21 25.11
C GLN A 459 24.90 -4.10 23.97
N VAL A 460 25.86 -4.60 23.18
CA VAL A 460 25.59 -5.74 22.31
C VAL A 460 26.41 -6.89 22.88
N LEU A 461 25.77 -7.70 23.71
CA LEU A 461 26.40 -8.86 24.31
C LEU A 461 26.63 -9.91 23.22
N LEU A 462 27.79 -10.55 23.28
CA LEU A 462 28.19 -11.56 22.30
C LEU A 462 28.31 -12.93 22.96
N ARG A 463 27.96 -13.99 22.22
CA ARG A 463 27.94 -15.32 22.79
C ARG A 463 28.39 -16.39 21.80
N ASP A 464 28.59 -17.59 22.32
CA ASP A 464 28.88 -18.82 21.56
C ASP A 464 30.38 -18.99 21.32
N PHE A 465 31.05 -19.65 22.27
CA PHE A 465 32.49 -19.82 22.24
C PHE A 465 32.93 -20.93 21.31
N GLU A 466 31.97 -21.76 20.91
CA GLU A 466 32.28 -22.99 20.19
C GLU A 466 32.58 -22.67 18.76
N GLY A 467 32.16 -21.49 18.33
CA GLY A 467 32.42 -21.03 16.99
C GLY A 467 33.68 -20.19 16.91
N VAL A 468 34.15 -19.72 18.07
CA VAL A 468 35.32 -18.85 18.16
C VAL A 468 36.61 -19.53 17.69
N LYS A 469 37.36 -18.82 16.83
CA LYS A 469 38.63 -19.27 16.29
C LYS A 469 39.78 -18.31 16.70
N LEU A 470 41.01 -18.78 16.51
CA LEU A 470 42.20 -18.00 16.85
C LEU A 470 43.11 -18.02 15.65
N THR A 471 43.65 -16.87 15.27
CA THR A 471 44.42 -16.74 14.03
C THR A 471 45.81 -17.35 14.12
N ASP A 472 46.27 -17.87 12.99
CA ASP A 472 47.61 -18.46 12.89
C ASP A 472 48.73 -17.50 13.25
N ASP A 473 48.52 -16.21 13.02
CA ASP A 473 49.59 -15.22 13.18
C ASP A 473 49.56 -14.51 14.52
N LEU A 474 48.43 -14.57 15.21
CA LEU A 474 48.21 -13.75 16.39
C LEU A 474 47.48 -14.49 17.50
N GLY A 475 46.30 -15.04 17.20
CA GLY A 475 45.42 -15.61 18.23
C GLY A 475 45.88 -16.92 18.85
N ILE A 476 46.42 -17.81 18.03
CA ILE A 476 46.80 -19.15 18.47
C ILE A 476 47.92 -19.21 19.52
N ARG A 477 48.66 -18.11 19.64
CA ARG A 477 49.75 -17.99 20.62
C ARG A 477 49.21 -18.05 22.05
N TYR A 478 47.92 -17.75 22.21
CA TYR A 478 47.34 -17.64 23.53
C TYR A 478 46.97 -18.98 24.19
N ILE A 479 47.07 -20.08 23.44
CA ILE A 479 46.81 -21.40 24.03
C ILE A 479 48.09 -22.21 24.27
N ASP A 480 48.07 -23.04 25.32
CA ASP A 480 49.23 -23.85 25.72
C ASP A 480 49.82 -24.72 24.63
N ASP A 481 51.14 -24.97 24.73
CA ASP A 481 51.84 -25.88 23.82
C ASP A 481 51.38 -27.31 24.01
N ASP A 482 50.93 -27.63 25.22
CA ASP A 482 50.54 -29.01 25.53
C ASP A 482 49.05 -29.30 25.37
N ILE A 483 48.40 -28.67 24.39
CA ILE A 483 47.01 -29.04 24.08
C ILE A 483 46.96 -30.08 22.96
N HIS A 484 45.99 -30.98 23.01
CA HIS A 484 45.86 -32.02 21.99
C HIS A 484 45.91 -31.41 20.59
N PRO A 485 46.69 -32.02 19.67
CA PRO A 485 46.79 -31.48 18.31
C PRO A 485 45.43 -31.25 17.65
N ARG A 486 44.45 -32.09 17.97
CA ARG A 486 43.13 -31.98 17.35
C ARG A 486 42.37 -30.76 17.87
N VAL A 487 42.53 -30.45 19.14
CA VAL A 487 41.95 -29.26 19.75
C VAL A 487 42.55 -28.00 19.11
N ARG A 488 43.87 -27.97 18.91
CA ARG A 488 44.56 -26.88 18.22
C ARG A 488 44.02 -26.69 16.81
N GLN A 489 43.88 -27.79 16.08
CA GLN A 489 43.39 -27.76 14.71
C GLN A 489 41.99 -27.15 14.66
N SER A 490 41.19 -27.50 15.65
CA SER A 490 39.81 -27.06 15.79
C SER A 490 39.71 -25.53 15.93
N LEU A 491 40.61 -24.97 16.71
CA LEU A 491 40.61 -23.54 17.04
C LEU A 491 41.26 -22.70 15.94
N LEU A 492 42.20 -23.30 15.20
CA LEU A 492 43.05 -22.54 14.28
C LEU A 492 42.35 -22.04 13.00
N TYR A 493 42.38 -20.72 12.78
CA TYR A 493 41.99 -20.12 11.50
C TYR A 493 43.17 -19.30 10.94
N SER A 494 43.29 -19.23 9.62
CA SER A 494 44.21 -18.26 9.02
C SER A 494 43.69 -16.86 9.26
N ARG A 495 44.57 -15.87 9.14
CA ARG A 495 44.13 -14.48 9.31
C ARG A 495 43.03 -14.18 8.28
N GLU A 496 43.20 -14.73 7.09
CA GLU A 496 42.26 -14.53 6.01
C GLU A 496 40.92 -15.21 6.26
N GLN A 497 40.94 -16.49 6.67
CA GLN A 497 39.70 -17.17 7.05
C GLN A 497 38.93 -16.39 8.07
N GLY A 498 39.62 -15.96 9.13
CA GLY A 498 39.03 -15.13 10.18
C GLY A 498 38.35 -13.87 9.67
N TRP A 499 39.08 -13.10 8.86
CA TRP A 499 38.55 -11.85 8.31
C TRP A 499 37.33 -12.06 7.40
N ASN A 500 37.35 -13.12 6.58
CA ASN A 500 36.19 -13.44 5.74
C ASN A 500 34.93 -13.70 6.58
N ARG A 501 35.09 -14.45 7.67
CA ARG A 501 33.97 -14.72 8.58
C ARG A 501 33.48 -13.44 9.25
N ILE A 502 34.41 -12.61 9.74
CA ILE A 502 34.06 -11.36 10.43
C ILE A 502 33.30 -10.39 9.51
N MET A 503 33.77 -10.29 8.27
CA MET A 503 33.17 -9.44 7.23
C MET A 503 31.73 -9.84 6.97
N TYR A 504 31.52 -11.12 6.66
CA TYR A 504 30.18 -11.63 6.42
C TYR A 504 29.28 -11.45 7.63
N CYS A 505 29.72 -11.94 8.79
CA CYS A 505 28.91 -11.83 10.00
C CYS A 505 28.53 -10.40 10.30
N LEU A 506 29.53 -9.51 10.34
CA LEU A 506 29.29 -8.13 10.74
C LEU A 506 28.41 -7.34 9.76
N PHE A 507 28.73 -7.37 8.47
CA PHE A 507 28.09 -6.45 7.51
C PHE A 507 26.95 -7.02 6.71
N ILE A 508 27.07 -8.27 6.28
CA ILE A 508 26.02 -8.84 5.46
C ILE A 508 24.94 -9.48 6.32
N ASN A 509 25.34 -10.42 7.18
CA ASN A 509 24.40 -11.11 8.07
C ASN A 509 23.71 -10.15 9.04
N HIS A 510 24.51 -9.28 9.66
CA HIS A 510 24.05 -8.54 10.84
C HIS A 510 23.63 -7.10 10.48
N LEU A 511 24.58 -6.23 10.21
CA LEU A 511 24.29 -4.80 10.02
C LEU A 511 23.40 -4.50 8.83
N SER A 512 23.51 -5.32 7.77
CA SER A 512 22.67 -5.14 6.61
C SER A 512 21.22 -5.38 6.95
N GLU A 513 20.95 -6.41 7.77
CA GLU A 513 19.61 -6.64 8.31
C GLU A 513 19.21 -5.52 9.25
N THR A 514 20.15 -5.02 10.07
CA THR A 514 19.86 -3.89 10.96
C THR A 514 19.33 -2.67 10.18
N ILE A 515 20.06 -2.34 9.13
CA ILE A 515 19.78 -1.16 8.32
C ILE A 515 18.46 -1.36 7.56
N LEU A 516 18.26 -2.54 6.99
CA LEU A 516 17.02 -2.85 6.25
C LEU A 516 15.78 -2.72 7.13
N ALA A 517 15.86 -3.21 8.36
CA ALA A 517 14.74 -3.17 9.31
C ALA A 517 14.43 -1.74 9.73
N LEU A 518 15.47 -0.98 10.08
CA LEU A 518 15.33 0.40 10.52
C LEU A 518 14.86 1.31 9.39
N SER A 519 15.32 1.03 8.17
CA SER A 519 15.07 1.90 7.01
C SER A 519 13.84 1.52 6.18
N GLN A 520 12.97 0.69 6.73
CA GLN A 520 11.72 0.36 6.04
C GLN A 520 10.82 1.59 5.84
N GLY A 521 10.43 1.84 4.60
CA GLY A 521 9.64 3.02 4.28
C GLY A 521 10.50 4.25 4.07
N ARG A 522 11.79 4.12 4.35
CA ARG A 522 12.73 5.24 4.24
C ARG A 522 14.08 4.78 3.68
N PRO A 523 14.09 4.22 2.45
CA PRO A 523 15.33 3.65 1.93
C PRO A 523 16.49 4.64 1.80
N GLN A 524 16.16 5.93 1.76
CA GLN A 524 17.19 6.96 1.63
C GLN A 524 18.14 6.98 2.83
N LEU A 525 17.66 6.46 3.97
CA LEU A 525 18.48 6.38 5.18
C LEU A 525 19.61 5.36 5.10
N ALA A 526 19.50 4.37 4.21
CA ALA A 526 20.48 3.30 4.15
C ALA A 526 21.90 3.78 3.78
N PRO A 527 22.06 4.57 2.68
CA PRO A 527 23.38 5.14 2.38
C PRO A 527 23.98 5.91 3.56
N LEU A 528 23.16 6.67 4.26
CA LEU A 528 23.57 7.44 5.41
C LEU A 528 24.03 6.54 6.55
N MET A 529 23.28 5.47 6.81
CA MET A 529 23.69 4.51 7.83
C MET A 529 25.02 3.84 7.47
N TRP A 530 25.16 3.41 6.22
CA TRP A 530 26.40 2.78 5.78
C TRP A 530 27.57 3.76 5.85
N ARG A 531 27.32 5.04 5.54
CA ARG A 531 28.34 6.08 5.71
C ARG A 531 28.80 6.18 7.17
N ARG A 532 27.85 6.09 8.11
CA ARG A 532 28.18 6.05 9.53
C ARG A 532 29.01 4.84 9.89
N VAL A 533 28.78 3.71 9.21
CA VAL A 533 29.59 2.50 9.44
C VAL A 533 31.02 2.76 8.98
N GLN A 534 31.17 3.25 7.75
CA GLN A 534 32.49 3.61 7.22
C GLN A 534 33.29 4.57 8.14
N GLN A 535 32.62 5.59 8.70
CA GLN A 535 33.27 6.53 9.62
C GLN A 535 33.68 5.83 10.91
N GLN A 536 32.79 4.99 11.44
CA GLN A 536 33.06 4.21 12.64
C GLN A 536 34.30 3.31 12.46
N LEU A 537 34.39 2.63 11.31
CA LEU A 537 35.54 1.77 11.00
C LEU A 537 36.84 2.56 11.02
N ARG A 538 36.84 3.73 10.36
CA ARG A 538 38.01 4.62 10.34
CA ARG A 538 38.02 4.61 10.35
C ARG A 538 38.42 4.95 11.78
N ALA A 539 37.44 5.23 12.62
CA ALA A 539 37.68 5.58 14.02
C ALA A 539 38.22 4.42 14.86
N ILE A 540 37.70 3.21 14.62
CA ILE A 540 38.14 2.03 15.37
C ILE A 540 39.59 1.73 15.00
N GLN A 541 39.88 1.87 13.70
CA GLN A 541 41.21 1.70 13.20
C GLN A 541 42.24 2.55 13.97
N GLY A 542 41.86 3.78 14.30
CA GLY A 542 42.70 4.67 15.08
C GLY A 542 43.02 4.15 16.48
N GLU A 543 42.06 3.45 17.10
CA GLU A 543 42.18 2.88 18.43
C GLU A 543 43.08 1.63 18.49
N LEU A 544 43.25 0.97 17.36
CA LEU A 544 43.85 -0.38 17.31
C LEU A 544 45.34 -0.36 17.68
N LYS A 545 45.81 -1.47 18.25
CA LYS A 545 47.19 -1.56 18.75
C LYS A 545 48.06 -2.39 17.79
N GLN A 546 47.43 -2.96 16.77
CA GLN A 546 48.12 -3.80 15.82
C GLN A 546 47.69 -3.40 14.42
N PRO A 547 48.48 -3.75 13.37
CA PRO A 547 48.10 -3.35 12.02
C PRO A 547 46.79 -3.98 11.55
N SER A 548 46.07 -3.24 10.71
CA SER A 548 44.77 -3.68 10.20
C SER A 548 44.64 -3.37 8.70
N PRO A 549 45.54 -3.92 7.86
CA PRO A 549 45.45 -3.66 6.41
C PRO A 549 44.12 -4.11 5.79
N GLU A 550 43.49 -5.12 6.39
CA GLU A 550 42.18 -5.62 5.96
C GLU A 550 41.13 -4.54 6.12
N LEU A 551 41.25 -3.80 7.22
CA LEU A 551 40.36 -2.68 7.51
C LEU A 551 40.56 -1.52 6.53
N ASP A 552 41.81 -1.27 6.13
CA ASP A 552 42.11 -0.31 5.06
C ASP A 552 41.35 -0.63 3.77
N ALA A 553 41.47 -1.88 3.30
CA ALA A 553 40.84 -2.30 2.06
C ALA A 553 39.33 -2.17 2.11
N LEU A 554 38.75 -2.60 3.23
CA LEU A 554 37.31 -2.52 3.45
C LEU A 554 36.82 -1.08 3.42
N ILE A 555 37.49 -0.21 4.15
CA ILE A 555 37.21 1.23 4.16
C ILE A 555 37.30 1.82 2.74
N ALA A 556 38.30 1.38 1.99
CA ALA A 556 38.56 1.83 0.63
C ALA A 556 37.54 1.31 -0.40
N GLY A 557 36.56 0.52 0.04
CA GLY A 557 35.49 0.05 -0.84
C GLY A 557 35.72 -1.25 -1.58
N HIS A 558 36.63 -2.09 -1.07
CA HIS A 558 36.83 -3.39 -1.69
C HIS A 558 35.68 -4.35 -1.34
N PRO A 559 35.44 -5.36 -2.19
CA PRO A 559 34.28 -6.24 -1.99
C PRO A 559 34.28 -6.95 -0.63
N VAL A 560 33.10 -7.41 -0.22
CA VAL A 560 32.92 -8.02 1.09
C VAL A 560 32.54 -9.49 0.91
N ALA A 561 33.18 -10.37 1.68
CA ALA A 561 32.88 -11.79 1.69
C ALA A 561 31.47 -12.07 2.21
N CYS A 562 30.76 -12.94 1.50
CA CYS A 562 29.41 -13.34 1.86
C CYS A 562 29.29 -14.85 1.84
N LYS A 563 29.04 -15.43 3.01
CA LYS A 563 28.76 -16.86 3.16
C LYS A 563 27.48 -17.23 2.42
N THR A 564 27.51 -18.39 1.78
CA THR A 564 26.37 -18.87 1.02
C THR A 564 25.57 -19.86 1.87
N ASN A 565 24.27 -19.87 1.67
CA ASN A 565 23.39 -20.76 2.41
C ASN A 565 22.63 -21.69 1.50
N LEU A 566 22.58 -21.32 0.22
CA LEU A 566 21.92 -22.13 -0.78
C LEU A 566 22.98 -22.80 -1.66
N LYS A 567 23.93 -22.01 -2.15
CA LYS A 567 25.01 -22.50 -3.00
C LYS A 567 25.77 -23.69 -2.39
N VAL A 568 26.05 -23.63 -1.09
CA VAL A 568 26.82 -24.69 -0.42
CA VAL A 568 26.78 -24.70 -0.38
C VAL A 568 26.09 -26.04 -0.50
N ARG A 569 24.76 -26.00 -0.53
CA ARG A 569 23.93 -27.20 -0.51
C ARG A 569 23.77 -27.81 -1.91
N LEU A 570 24.14 -27.06 -2.93
CA LEU A 570 24.10 -27.59 -4.29
C LEU A 570 25.47 -28.14 -4.67
N ALA A 571 26.51 -27.42 -4.28
CA ALA A 571 27.89 -27.79 -4.59
C ALA A 571 28.32 -29.04 -3.84
N ALA A 572 29.27 -29.78 -4.42
CA ALA A 572 29.88 -30.92 -3.77
C ALA A 572 30.41 -30.50 -2.40
N GLU A 573 30.42 -31.43 -1.44
CA GLU A 573 30.97 -31.16 -0.12
C GLU A 573 32.47 -30.78 -0.24
N ALA A 574 33.13 -31.36 -1.25
CA ALA A 574 34.53 -31.12 -1.55
C ALA A 574 34.83 -29.81 -2.30
N ASP A 575 33.80 -29.00 -2.55
CA ASP A 575 33.91 -27.76 -3.32
C ASP A 575 33.96 -26.54 -2.39
N ARG A 576 35.13 -26.32 -1.78
CA ARG A 576 35.32 -25.27 -0.76
C ARG A 576 34.94 -23.86 -1.24
N GLN A 577 35.23 -23.58 -2.51
CA GLN A 577 34.96 -22.27 -3.12
C GLN A 577 33.49 -21.82 -3.04
N ALA A 578 32.56 -22.78 -3.11
CA ALA A 578 31.11 -22.50 -3.13
C ALA A 578 30.53 -22.01 -1.79
N SER A 579 31.34 -22.02 -0.74
CA SER A 579 30.91 -21.59 0.59
C SER A 579 30.85 -20.07 0.74
N TYR A 580 31.59 -19.35 -0.11
CA TYR A 580 31.56 -17.89 -0.12
C TYR A 580 31.43 -17.30 -1.51
N VAL A 581 30.86 -16.09 -1.57
CA VAL A 581 30.96 -15.21 -2.75
C VAL A 581 31.41 -13.83 -2.29
N ARG A 582 31.54 -12.90 -3.24
CA ARG A 582 31.94 -11.54 -2.98
C ARG A 582 30.83 -10.58 -3.43
N LEU A 583 30.49 -9.64 -2.56
CA LEU A 583 29.49 -8.63 -2.88
C LEU A 583 30.13 -7.24 -2.87
N PRO A 584 29.74 -6.36 -3.82
CA PRO A 584 30.23 -4.99 -3.86
C PRO A 584 30.04 -4.23 -2.55
N SER A 585 31.01 -3.38 -2.25
CA SER A 585 30.98 -2.51 -1.07
C SER A 585 29.78 -1.55 -1.06
N PRO A 586 29.20 -1.32 0.13
CA PRO A 586 28.12 -0.34 0.23
C PRO A 586 28.59 1.07 -0.10
N TRP A 587 29.90 1.30 -0.02
CA TRP A 587 30.53 2.57 -0.43
C TRP A 587 31.59 2.33 -1.50
N GLY A 588 32.67 3.12 -1.49
CA GLY A 588 33.74 2.94 -2.49
C GLY A 588 34.79 4.03 -2.50
N ARG B 4 8.66 3.67 -17.57
CA ARG B 4 9.39 4.69 -16.74
C ARG B 4 8.80 6.10 -16.92
N ASN B 5 8.46 6.43 -18.17
CA ASN B 5 8.03 7.78 -18.60
C ASN B 5 6.74 8.30 -17.95
N HIS B 6 6.61 9.63 -17.91
CA HIS B 6 5.41 10.31 -17.43
C HIS B 6 4.23 10.12 -18.39
N ASP B 7 4.56 9.83 -19.65
CA ASP B 7 3.55 9.48 -20.66
C ASP B 7 2.87 8.17 -20.32
N VAL B 8 3.64 7.14 -19.95
CA VAL B 8 3.09 5.83 -19.62
C VAL B 8 2.30 5.91 -18.31
N LEU B 9 2.87 6.62 -17.34
CA LEU B 9 2.24 6.81 -16.06
C LEU B 9 0.89 7.51 -16.25
N SER B 10 0.88 8.59 -17.05
CA SER B 10 -0.35 9.29 -17.38
C SER B 10 -1.37 8.39 -18.05
N ARG B 11 -0.94 7.56 -19.00
CA ARG B 11 -1.87 6.63 -19.63
C ARG B 11 -2.47 5.73 -18.56
N MET B 12 -1.62 5.18 -17.72
CA MET B 12 -2.08 4.27 -16.68
C MET B 12 -3.02 4.93 -15.67
N ILE B 13 -2.74 6.18 -15.31
CA ILE B 13 -3.65 6.95 -14.45
C ILE B 13 -5.02 7.13 -15.11
N SER B 14 -5.03 7.50 -16.39
CA SER B 14 -6.28 7.72 -17.12
C SER B 14 -7.10 6.45 -17.28
N GLU B 15 -6.42 5.33 -17.55
CA GLU B 15 -7.08 4.03 -17.64
C GLU B 15 -7.72 3.59 -16.33
N LYS B 16 -7.03 3.80 -15.21
CA LYS B 16 -7.61 3.49 -13.90
C LYS B 16 -8.83 4.39 -13.60
N ALA B 17 -8.71 5.68 -13.85
CA ALA B 17 -9.81 6.63 -13.68
C ALA B 17 -11.01 6.24 -14.56
N ALA B 18 -10.72 6.01 -15.84
CA ALA B 18 -11.78 5.72 -16.81
C ALA B 18 -12.52 4.47 -16.40
N LEU B 19 -11.76 3.43 -16.06
CA LEU B 19 -12.33 2.14 -15.64
C LEU B 19 -13.15 2.25 -14.34
N HIS B 20 -12.63 2.96 -13.34
CA HIS B 20 -13.37 3.18 -12.11
C HIS B 20 -14.72 3.83 -12.41
N GLY B 21 -14.72 4.80 -13.30
CA GLY B 21 -15.97 5.49 -13.68
C GLY B 21 -16.96 4.52 -14.31
N LEU B 22 -16.46 3.63 -15.16
CA LEU B 22 -17.27 2.59 -15.80
C LEU B 22 -17.80 1.56 -14.81
N LEU B 23 -16.96 1.12 -13.88
CA LEU B 23 -17.42 0.23 -12.81
C LEU B 23 -18.57 0.84 -12.01
N ASN B 24 -18.45 2.13 -11.71
CA ASN B 24 -19.48 2.88 -10.99
C ASN B 24 -20.84 2.71 -11.70
N CYS B 25 -20.85 2.86 -13.02
CA CYS B 25 -22.06 2.72 -13.84
C CYS B 25 -22.61 1.29 -13.82
N LEU B 26 -21.70 0.33 -14.05
CA LEU B 26 -22.04 -1.08 -13.96
C LEU B 26 -22.71 -1.45 -12.63
N ILE B 27 -22.10 -1.02 -11.53
CA ILE B 27 -22.56 -1.37 -10.18
C ILE B 27 -23.88 -0.67 -9.79
N LYS B 28 -23.98 0.63 -10.08
CA LYS B 28 -25.17 1.42 -9.78
CA LYS B 28 -25.18 1.42 -9.77
C LYS B 28 -26.36 1.08 -10.67
N GLU B 29 -26.11 0.98 -11.98
CA GLU B 29 -27.19 0.87 -12.94
C GLU B 29 -27.66 -0.56 -13.21
N PHE B 30 -26.79 -1.53 -12.94
CA PHE B 30 -27.09 -2.91 -13.26
C PHE B 30 -26.95 -3.84 -12.07
N ALA B 31 -25.74 -3.93 -11.53
CA ALA B 31 -25.45 -4.95 -10.53
C ALA B 31 -26.32 -4.84 -9.29
N ILE B 32 -26.48 -3.64 -8.75
CA ILE B 32 -27.23 -3.48 -7.51
C ILE B 32 -28.75 -3.65 -7.69
N PRO B 33 -29.37 -2.90 -8.63
CA PRO B 33 -30.84 -3.01 -8.72
C PRO B 33 -31.31 -4.37 -9.26
N GLU B 34 -30.43 -5.07 -9.97
CA GLU B 34 -30.76 -6.37 -10.55
C GLU B 34 -30.17 -7.54 -9.76
N GLY B 35 -29.59 -7.23 -8.60
CA GLY B 35 -29.08 -8.25 -7.67
C GLY B 35 -28.00 -9.17 -8.18
N TYR B 36 -27.13 -8.68 -9.06
CA TYR B 36 -26.00 -9.46 -9.58
C TYR B 36 -24.75 -9.36 -8.71
N LEU B 37 -24.82 -8.58 -7.64
CA LEU B 37 -23.64 -8.29 -6.84
C LEU B 37 -23.57 -9.12 -5.57
N ARG B 38 -22.42 -9.73 -5.33
CA ARG B 38 -22.15 -10.42 -4.07
C ARG B 38 -20.82 -10.00 -3.46
N TYR B 39 -20.81 -9.73 -2.16
CA TYR B 39 -19.56 -9.53 -1.42
C TYR B 39 -19.06 -10.86 -0.89
N GLU B 40 -18.41 -11.61 -1.77
N GLU B 40 -18.43 -11.62 -1.77
CA GLU B 40 -17.95 -12.95 -1.45
CA GLU B 40 -17.96 -12.96 -1.45
C GLU B 40 -16.66 -13.29 -2.19
C GLU B 40 -16.67 -13.30 -2.20
N TRP B 41 -15.88 -14.20 -1.64
CA TRP B 41 -14.67 -14.67 -2.29
C TRP B 41 -15.08 -15.70 -3.33
N PRO B 42 -14.44 -15.71 -4.51
CA PRO B 42 -14.67 -16.82 -5.44
C PRO B 42 -14.16 -18.15 -4.86
N ASP B 43 -14.94 -19.22 -5.01
CA ASP B 43 -14.48 -20.56 -4.61
C ASP B 43 -13.12 -20.90 -5.21
N GLU B 44 -12.87 -20.44 -6.42
CA GLU B 44 -11.65 -20.73 -7.16
C GLU B 44 -10.95 -19.41 -7.57
N MET B 45 -9.71 -19.22 -7.13
CA MET B 45 -8.97 -17.95 -7.34
C MET B 45 -7.92 -18.02 -8.45
N LYS B 46 -7.77 -19.19 -9.07
CA LYS B 46 -6.73 -19.40 -10.08
C LYS B 46 -6.71 -18.29 -11.13
N GLY B 47 -5.54 -17.69 -11.28
CA GLY B 47 -5.36 -16.57 -12.17
C GLY B 47 -5.24 -15.25 -11.42
N ILE B 48 -5.85 -15.16 -10.23
CA ILE B 48 -5.74 -13.95 -9.42
C ILE B 48 -4.49 -14.06 -8.55
N PRO B 49 -3.49 -13.18 -8.77
CA PRO B 49 -2.23 -13.27 -8.03
C PRO B 49 -2.44 -12.86 -6.57
N PRO B 50 -1.61 -13.37 -5.66
CA PRO B 50 -1.81 -13.11 -4.23
C PRO B 50 -1.89 -11.63 -3.91
N GLY B 51 -0.98 -10.86 -4.50
CA GLY B 51 -0.87 -9.41 -4.25
C GLY B 51 -2.08 -8.57 -4.61
N ALA B 52 -3.00 -9.13 -5.39
CA ALA B 52 -4.22 -8.46 -5.76
C ALA B 52 -5.15 -8.29 -4.58
N TYR B 53 -5.16 -9.26 -3.66
CA TYR B 53 -6.12 -9.24 -2.57
C TYR B 53 -5.51 -9.39 -1.17
N PHE B 54 -4.19 -9.50 -1.09
CA PHE B 54 -3.51 -9.80 0.18
C PHE B 54 -2.25 -8.94 0.31
N ASP B 55 -2.12 -8.20 1.40
CA ASP B 55 -1.01 -7.25 1.49
C ASP B 55 0.24 -7.76 2.23
N GLY B 56 0.17 -8.95 2.82
CA GLY B 56 1.29 -9.46 3.61
C GLY B 56 0.83 -9.78 5.02
N ALA B 57 -0.22 -9.08 5.46
CA ALA B 57 -0.77 -9.29 6.80
C ALA B 57 -2.26 -9.59 6.74
N ASP B 58 -2.99 -8.92 5.85
CA ASP B 58 -4.44 -9.06 5.80
C ASP B 58 -5.00 -8.93 4.37
N TRP B 59 -6.30 -9.16 4.22
CA TRP B 59 -6.98 -8.96 2.95
C TRP B 59 -7.03 -7.48 2.62
N LYS B 60 -6.93 -7.14 1.34
CA LYS B 60 -7.03 -5.75 0.88
C LYS B 60 -8.49 -5.30 0.73
N GLY B 61 -9.19 -5.24 1.85
CA GLY B 61 -10.60 -4.86 1.83
C GLY B 61 -11.51 -6.07 1.70
N ILE B 62 -12.54 -5.91 0.87
CA ILE B 62 -13.66 -6.84 0.76
C ILE B 62 -13.76 -7.33 -0.67
N PRO B 63 -13.95 -8.65 -0.87
CA PRO B 63 -14.15 -9.08 -2.25
C PRO B 63 -15.51 -8.65 -2.76
N MET B 64 -15.58 -8.19 -3.99
CA MET B 64 -16.86 -7.96 -4.65
C MET B 64 -16.94 -8.81 -5.90
N MET B 65 -18.01 -9.60 -6.03
CA MET B 65 -18.26 -10.40 -7.24
C MET B 65 -19.54 -9.97 -7.93
N ILE B 66 -19.48 -9.84 -9.25
CA ILE B 66 -20.65 -9.51 -10.07
C ILE B 66 -20.87 -10.58 -11.15
N GLY B 67 -22.01 -11.25 -11.12
CA GLY B 67 -22.36 -12.27 -12.13
C GLY B 67 -23.02 -11.66 -13.33
N LEU B 68 -22.36 -11.71 -14.48
CA LEU B 68 -22.82 -11.09 -15.71
C LEU B 68 -23.40 -12.12 -16.72
N PRO B 69 -23.92 -11.65 -17.88
CA PRO B 69 -24.45 -12.57 -18.90
C PRO B 69 -23.40 -13.48 -19.51
N ASP B 70 -23.87 -14.63 -20.00
CA ASP B 70 -23.07 -15.58 -20.77
C ASP B 70 -21.93 -16.16 -19.96
N GLN B 71 -22.23 -16.44 -18.70
CA GLN B 71 -21.29 -17.03 -17.74
C GLN B 71 -20.05 -16.17 -17.46
N LEU B 72 -20.20 -14.85 -17.59
CA LEU B 72 -19.11 -13.91 -17.27
C LEU B 72 -19.17 -13.49 -15.81
N GLN B 73 -18.01 -13.52 -15.16
CA GLN B 73 -17.87 -13.06 -13.78
C GLN B 73 -16.79 -11.97 -13.64
N LEU B 74 -17.01 -11.06 -12.70
CA LEU B 74 -16.09 -9.97 -12.41
C LEU B 74 -15.70 -10.03 -10.94
N PHE B 75 -14.40 -9.91 -10.69
CA PHE B 75 -13.89 -9.81 -9.34
C PHE B 75 -13.11 -8.50 -9.19
N VAL B 76 -13.35 -7.82 -8.07
CA VAL B 76 -12.55 -6.66 -7.68
C VAL B 76 -12.64 -6.48 -6.16
N MET B 77 -11.56 -5.99 -5.55
CA MET B 77 -11.56 -5.72 -4.10
C MET B 77 -12.03 -4.29 -3.85
N VAL B 78 -12.82 -4.09 -2.79
CA VAL B 78 -13.36 -2.76 -2.48
C VAL B 78 -13.15 -2.48 -0.99
N ASP B 79 -13.21 -1.20 -0.59
CA ASP B 79 -13.00 -0.83 0.81
C ASP B 79 -14.28 -0.87 1.64
N ARG B 80 -15.42 -1.06 0.99
CA ARG B 80 -16.71 -0.97 1.70
C ARG B 80 -17.86 -1.64 0.95
N ARG B 81 -18.85 -2.10 1.71
CA ARG B 81 -20.17 -2.40 1.18
C ARG B 81 -20.97 -1.11 1.14
N ASP B 82 -21.63 -0.87 0.01
CA ASP B 82 -22.35 0.37 -0.19
C ASP B 82 -23.59 0.21 -1.07
N THR B 83 -24.75 0.60 -0.53
CA THR B 83 -26.03 0.44 -1.22
C THR B 83 -26.16 1.36 -2.44
N PHE B 84 -25.40 2.47 -2.43
CA PHE B 84 -25.36 3.39 -3.58
C PHE B 84 -24.25 3.06 -4.60
N GLY B 85 -23.42 2.07 -4.32
CA GLY B 85 -22.36 1.73 -5.26
C GLY B 85 -21.17 2.67 -5.20
N SER B 86 -21.00 3.32 -4.05
CA SER B 86 -19.87 4.21 -3.83
C SER B 86 -18.84 3.50 -2.96
N GLN B 87 -17.75 3.08 -3.61
CA GLN B 87 -16.64 2.42 -2.91
C GLN B 87 -15.34 2.78 -3.58
N HIS B 88 -14.24 2.62 -2.86
CA HIS B 88 -12.91 2.74 -3.43
C HIS B 88 -12.47 1.36 -3.91
N TYR B 89 -11.94 1.29 -5.12
CA TYR B 89 -11.48 0.02 -5.68
C TYR B 89 -10.03 -0.22 -5.26
N LEU B 90 -9.79 -1.39 -4.68
CA LEU B 90 -8.51 -1.69 -4.06
C LEU B 90 -7.64 -2.68 -4.87
N SER B 91 -8.14 -3.15 -6.00
CA SER B 91 -7.39 -4.05 -6.88
C SER B 91 -7.73 -3.76 -8.33
N ASP B 92 -6.93 -4.33 -9.21
CA ASP B 92 -7.27 -4.48 -10.62
C ASP B 92 -8.56 -5.31 -10.74
N VAL B 93 -9.23 -5.17 -11.87
CA VAL B 93 -10.43 -5.93 -12.15
C VAL B 93 -10.06 -7.25 -12.83
N TYR B 94 -10.61 -8.35 -12.33
CA TYR B 94 -10.38 -9.65 -12.93
C TYR B 94 -11.68 -10.14 -13.52
N LEU B 95 -11.60 -10.71 -14.72
CA LEU B 95 -12.74 -11.38 -15.39
C LEU B 95 -12.52 -12.88 -15.60
N ARG B 96 -13.61 -13.63 -15.52
CA ARG B 96 -13.61 -15.05 -15.75
C ARG B 96 -14.89 -15.42 -16.48
N GLN B 97 -14.75 -16.20 -17.55
CA GLN B 97 -15.89 -16.66 -18.33
C GLN B 97 -15.91 -18.19 -18.35
N ALA B 98 -17.10 -18.78 -18.32
CA ALA B 98 -17.30 -20.23 -18.58
C ALA B 98 -16.38 -21.15 -17.75
N GLN B 99 -15.62 -22.00 -18.44
CA GLN B 99 -14.60 -22.84 -17.82
C GLN B 99 -13.22 -22.21 -18.08
N GLY B 100 -12.94 -21.12 -17.36
CA GLY B 100 -11.70 -20.37 -17.55
C GLY B 100 -11.08 -19.98 -16.23
N ASP B 101 -9.85 -19.49 -16.29
CA ASP B 101 -9.19 -18.94 -15.11
C ASP B 101 -9.49 -17.44 -15.03
N TRP B 102 -9.31 -16.88 -13.84
CA TRP B 102 -9.38 -15.43 -13.70
C TRP B 102 -8.30 -14.76 -14.54
N GLN B 103 -8.69 -13.67 -15.17
CA GLN B 103 -7.84 -12.98 -16.11
C GLN B 103 -7.91 -11.47 -15.86
N CYS B 104 -6.78 -10.80 -15.99
CA CYS B 104 -6.73 -9.34 -15.88
C CYS B 104 -6.44 -8.73 -17.25
N PRO B 105 -7.50 -8.37 -18.02
CA PRO B 105 -7.29 -7.87 -19.39
C PRO B 105 -6.78 -6.43 -19.39
N ASP B 106 -6.09 -6.04 -20.46
CA ASP B 106 -5.76 -4.65 -20.73
C ASP B 106 -7.02 -3.81 -20.82
N PHE B 107 -6.85 -2.49 -20.84
CA PHE B 107 -7.96 -1.55 -20.76
C PHE B 107 -9.01 -1.71 -21.88
N GLU B 108 -8.55 -1.65 -23.13
CA GLU B 108 -9.47 -1.77 -24.28
C GLU B 108 -10.26 -3.09 -24.31
N PRO B 109 -9.59 -4.27 -24.19
CA PRO B 109 -10.29 -5.54 -24.00
C PRO B 109 -11.26 -5.57 -22.80
N LEU B 110 -10.86 -4.95 -21.68
CA LEU B 110 -11.74 -4.88 -20.51
C LEU B 110 -12.99 -4.03 -20.79
N VAL B 111 -12.78 -2.88 -21.41
CA VAL B 111 -13.93 -2.00 -21.71
C VAL B 111 -14.89 -2.71 -22.66
N ALA B 112 -14.33 -3.36 -23.68
CA ALA B 112 -15.11 -4.09 -24.67
C ALA B 112 -15.98 -5.17 -24.03
N ARG B 113 -15.37 -6.00 -23.18
CA ARG B 113 -16.09 -7.08 -22.50
C ARG B 113 -17.17 -6.57 -21.55
N LEU B 114 -16.89 -5.49 -20.83
CA LEU B 114 -17.85 -4.92 -19.88
C LEU B 114 -19.02 -4.26 -20.61
N LEU B 115 -18.72 -3.55 -21.68
CA LEU B 115 -19.74 -2.88 -22.49
C LEU B 115 -20.67 -3.91 -23.15
N ALA B 116 -20.09 -4.96 -23.72
CA ALA B 116 -20.88 -6.03 -24.32
C ALA B 116 -21.87 -6.59 -23.30
N ALA B 117 -21.38 -6.88 -22.10
CA ALA B 117 -22.22 -7.38 -21.00
C ALA B 117 -23.40 -6.46 -20.69
N CYS B 118 -23.14 -5.16 -20.62
CA CYS B 118 -24.18 -4.16 -20.39
C CYS B 118 -25.13 -3.99 -21.59
N GLU B 119 -24.61 -4.18 -22.80
CA GLU B 119 -25.44 -4.18 -23.99
C GLU B 119 -26.42 -5.35 -23.91
N HIS B 120 -25.95 -6.49 -23.41
CA HIS B 120 -26.75 -7.70 -23.26
C HIS B 120 -27.83 -7.56 -22.17
N ILE B 121 -27.48 -6.94 -21.04
CA ILE B 121 -28.44 -6.75 -19.95
C ILE B 121 -29.50 -5.72 -20.34
N ALA B 122 -29.09 -4.70 -21.11
CA ALA B 122 -29.97 -3.61 -21.50
C ALA B 122 -30.80 -3.92 -22.75
N GLY B 123 -30.29 -4.82 -23.59
CA GLY B 123 -30.93 -5.14 -24.86
C GLY B 123 -30.46 -4.25 -26.00
N ARG B 124 -30.19 -2.98 -25.67
CA ARG B 124 -29.84 -1.96 -26.67
C ARG B 124 -28.33 -1.73 -26.85
N LYS B 125 -27.96 -1.20 -28.01
CA LYS B 125 -26.56 -0.96 -28.35
C LYS B 125 -26.39 0.39 -29.03
N ASN B 126 -25.40 1.17 -28.58
CA ASN B 126 -25.02 2.42 -29.23
C ASN B 126 -23.64 2.25 -29.88
N PRO B 127 -23.61 2.12 -31.23
CA PRO B 127 -22.37 1.80 -31.97
C PRO B 127 -21.21 2.78 -31.75
N GLU B 128 -21.53 4.04 -31.43
CA GLU B 128 -20.52 5.07 -31.19
C GLU B 128 -19.93 5.07 -29.77
N LEU B 129 -20.61 4.42 -28.83
CA LEU B 129 -20.26 4.53 -27.42
C LEU B 129 -18.84 4.03 -27.12
N TYR B 130 -18.53 2.80 -27.53
CA TYR B 130 -17.22 2.22 -27.33
C TYR B 130 -16.09 3.19 -27.67
N GLU B 131 -16.18 3.84 -28.83
CA GLU B 131 -15.12 4.76 -29.26
C GLU B 131 -15.13 6.05 -28.44
N GLN B 132 -16.29 6.40 -27.89
CA GLN B 132 -16.41 7.53 -26.98
C GLN B 132 -15.65 7.27 -25.67
N ILE B 133 -15.80 6.05 -25.15
CA ILE B 133 -15.12 5.61 -23.92
C ILE B 133 -13.60 5.70 -24.07
N LEU B 134 -13.09 5.22 -25.20
CA LEU B 134 -11.66 5.25 -25.47
C LEU B 134 -11.15 6.65 -25.72
N GLN B 135 -11.91 7.43 -26.47
CA GLN B 135 -11.53 8.81 -26.75
C GLN B 135 -11.53 9.63 -25.45
N SER B 136 -12.50 9.36 -24.58
CA SER B 136 -12.55 9.99 -23.26
C SER B 136 -11.28 9.67 -22.44
N GLN B 137 -10.90 8.39 -22.43
CA GLN B 137 -9.70 7.95 -21.70
C GLN B 137 -8.43 8.58 -22.26
N ARG B 138 -8.36 8.69 -23.59
CA ARG B 138 -7.17 9.29 -24.20
C ARG B 138 -7.04 10.77 -23.89
N LEU B 139 -8.17 11.47 -23.81
CA LEU B 139 -8.12 12.88 -23.45
C LEU B 139 -7.69 13.07 -21.99
N VAL B 140 -8.18 12.21 -21.11
CA VAL B 140 -7.78 12.24 -19.70
C VAL B 140 -6.27 12.02 -19.59
N SER B 141 -5.75 11.07 -20.38
CA SER B 141 -4.30 10.85 -20.45
C SER B 141 -3.53 12.14 -20.81
N ALA B 142 -3.96 12.83 -21.86
CA ALA B 142 -3.34 14.09 -22.25
C ALA B 142 -3.49 15.15 -21.14
N ILE B 143 -4.64 15.14 -20.46
CA ILE B 143 -4.94 16.08 -19.37
C ILE B 143 -3.99 15.88 -18.17
N VAL B 144 -3.88 14.63 -17.71
CA VAL B 144 -2.97 14.29 -16.63
C VAL B 144 -1.54 14.61 -17.01
N SER B 145 -1.15 14.24 -18.23
CA SER B 145 0.17 14.58 -18.73
C SER B 145 0.47 16.08 -18.62
N HIS B 146 -0.46 16.92 -19.06
CA HIS B 146 -0.28 18.37 -19.04
C HIS B 146 -0.25 18.97 -17.63
N ASN B 147 -1.02 18.39 -16.71
CA ASN B 147 -1.23 18.98 -15.40
C ASN B 147 -0.46 18.31 -14.26
N GLY B 148 0.80 17.93 -14.52
CA GLY B 148 1.58 17.17 -13.55
C GLY B 148 2.61 17.94 -12.74
N ARG B 149 2.55 19.27 -12.75
CA ARG B 149 3.58 20.06 -12.06
C ARG B 149 3.11 20.69 -10.74
N GLN B 150 1.80 20.75 -10.57
CA GLN B 150 1.20 21.43 -9.43
C GLN B 150 0.99 20.50 -8.25
N ARG B 151 0.74 21.11 -7.08
CA ARG B 151 0.23 20.37 -5.94
CA ARG B 151 0.21 20.37 -5.94
C ARG B 151 -1.07 19.70 -6.40
N ALA B 152 -1.27 18.44 -6.03
CA ALA B 152 -2.47 17.72 -6.44
C ALA B 152 -3.77 18.41 -5.99
N ASP B 153 -3.70 19.24 -4.96
CA ASP B 153 -4.90 19.94 -4.49
C ASP B 153 -5.03 21.39 -4.99
N ALA B 154 -4.14 21.79 -5.89
CA ALA B 154 -4.20 23.13 -6.49
C ALA B 154 -5.59 23.53 -7.03
N PRO B 155 -6.33 22.59 -7.68
CA PRO B 155 -7.66 22.95 -8.18
C PRO B 155 -8.62 23.54 -7.14
N LEU B 156 -8.35 23.30 -5.86
CA LEU B 156 -9.26 23.73 -4.79
C LEU B 156 -8.91 25.09 -4.22
N GLN B 157 -7.92 25.76 -4.80
CA GLN B 157 -7.42 27.01 -4.22
C GLN B 157 -8.10 28.28 -4.75
N HIS B 158 -8.70 28.20 -5.94
CA HIS B 158 -9.29 29.35 -6.63
CA HIS B 158 -9.32 29.35 -6.60
C HIS B 158 -10.47 28.84 -7.45
N TYR B 159 -11.54 29.63 -7.52
CA TYR B 159 -12.71 29.26 -8.30
C TYR B 159 -12.41 28.79 -9.73
N LEU B 160 -11.68 29.57 -10.50
CA LEU B 160 -11.45 29.19 -11.90
C LEU B 160 -10.63 27.91 -11.97
N GLN B 161 -9.65 27.77 -11.09
CA GLN B 161 -8.87 26.52 -11.01
C GLN B 161 -9.75 25.32 -10.66
N SER B 162 -10.76 25.53 -9.81
CA SER B 162 -11.71 24.46 -9.55
C SER B 162 -12.49 24.09 -10.82
N GLU B 163 -12.80 25.07 -11.66
CA GLU B 163 -13.51 24.79 -12.91
C GLU B 163 -12.61 24.11 -13.96
N GLN B 164 -11.32 24.41 -13.90
CA GLN B 164 -10.34 23.87 -14.82
C GLN B 164 -9.76 22.53 -14.33
N GLY B 165 -10.05 22.16 -13.10
CA GLY B 165 -9.37 21.05 -12.47
C GLY B 165 -10.20 19.80 -12.32
N LEU B 166 -11.29 19.68 -13.07
CA LEU B 166 -12.08 18.47 -13.01
C LEU B 166 -11.51 17.45 -14.00
N TRP B 167 -10.36 16.92 -13.67
CA TRP B 167 -9.57 16.19 -14.65
C TRP B 167 -10.28 14.98 -15.27
N PHE B 168 -11.10 14.31 -14.46
CA PHE B 168 -11.68 13.01 -14.79
C PHE B 168 -13.15 13.15 -15.14
N GLY B 169 -13.74 14.29 -14.74
CA GLY B 169 -15.12 14.63 -15.11
C GLY B 169 -16.14 13.88 -14.29
N HIS B 170 -17.37 13.79 -14.80
CA HIS B 170 -18.42 13.00 -14.16
C HIS B 170 -17.87 11.64 -13.67
N PRO B 171 -18.01 11.34 -12.36
CA PRO B 171 -17.42 10.11 -11.81
C PRO B 171 -18.19 8.80 -12.04
N SER B 172 -19.43 8.89 -12.54
CA SER B 172 -20.18 7.68 -12.90
C SER B 172 -20.76 7.84 -14.31
N HIS B 173 -19.87 7.91 -15.28
CA HIS B 173 -20.25 8.11 -16.66
C HIS B 173 -19.25 7.33 -17.50
N PRO B 174 -19.74 6.63 -18.55
CA PRO B 174 -18.84 5.81 -19.36
C PRO B 174 -17.81 6.64 -20.17
N ALA B 175 -18.16 7.86 -20.54
CA ALA B 175 -17.25 8.68 -21.33
C ALA B 175 -17.28 10.15 -20.89
N PRO B 176 -16.83 10.42 -19.65
CA PRO B 176 -16.94 11.76 -19.10
C PRO B 176 -16.29 12.86 -19.95
N LYS B 177 -15.20 12.53 -20.65
CA LYS B 177 -14.44 13.54 -21.39
C LYS B 177 -14.53 13.36 -22.90
N ALA B 178 -15.53 12.60 -23.34
CA ALA B 178 -15.83 12.49 -24.77
C ALA B 178 -16.30 13.83 -25.33
N ARG B 179 -15.50 14.37 -26.25
CA ARG B 179 -15.80 15.58 -26.98
C ARG B 179 -15.40 15.37 -28.43
N LEU B 180 -16.35 15.53 -29.34
CA LEU B 180 -16.07 15.44 -30.77
C LEU B 180 -16.23 16.82 -31.38
N TRP B 181 -15.11 17.46 -31.64
CA TRP B 181 -15.10 18.77 -32.26
C TRP B 181 -15.22 18.63 -33.77
N PRO B 182 -15.90 19.59 -34.43
CA PRO B 182 -15.91 19.58 -35.89
C PRO B 182 -14.47 19.47 -36.40
N HIS B 184 -10.56 19.30 -36.38
CA HIS B 184 -9.79 20.36 -37.04
C HIS B 184 -9.82 21.69 -36.27
N LEU B 185 -10.25 21.62 -35.01
CA LEU B 185 -10.27 22.79 -34.11
C LEU B 185 -9.40 22.57 -32.87
N GLY B 186 -9.10 21.31 -32.58
CA GLY B 186 -8.25 20.94 -31.45
C GLY B 186 -9.01 20.82 -30.14
N GLN B 187 -8.50 19.98 -29.25
CA GLN B 187 -9.06 19.85 -27.91
C GLN B 187 -8.57 21.01 -27.02
N GLU B 188 -7.27 21.24 -27.06
CA GLU B 188 -6.62 22.12 -26.10
C GLU B 188 -7.07 23.59 -26.11
N GLN B 189 -7.44 24.13 -27.28
CA GLN B 189 -7.78 25.57 -27.36
C GLN B 189 -9.11 25.84 -26.69
N TRP B 190 -9.91 24.79 -26.53
CA TRP B 190 -11.26 24.92 -25.95
C TRP B 190 -11.42 24.27 -24.58
N ALA B 191 -10.35 23.60 -24.12
CA ALA B 191 -10.43 22.75 -22.93
C ALA B 191 -10.14 23.48 -21.62
N PRO B 192 -11.12 23.49 -20.69
CA PRO B 192 -10.81 24.07 -19.38
C PRO B 192 -9.61 23.40 -18.70
N GLU B 193 -9.46 22.10 -18.94
CA GLU B 193 -8.36 21.28 -18.39
C GLU B 193 -6.97 21.66 -18.91
N PHE B 194 -6.94 22.44 -19.99
CA PHE B 194 -5.70 23.01 -20.52
C PHE B 194 -5.62 24.52 -20.28
N GLN B 195 -6.40 25.01 -19.31
CA GLN B 195 -6.41 26.43 -18.96
C GLN B 195 -6.68 27.33 -20.18
N ALA B 196 -7.46 26.81 -21.12
CA ALA B 196 -7.82 27.52 -22.34
C ALA B 196 -8.38 28.93 -22.12
N ARG B 197 -7.97 29.85 -23.00
CA ARG B 197 -8.52 31.17 -23.09
C ARG B 197 -8.70 31.51 -24.56
N ALA B 198 -9.74 32.29 -24.85
CA ALA B 198 -10.00 32.74 -26.20
C ALA B 198 -10.84 33.97 -26.19
N ALA B 199 -10.62 34.86 -27.15
CA ALA B 199 -11.56 35.94 -27.39
C ALA B 199 -12.79 35.32 -27.98
N LEU B 200 -13.95 35.74 -27.49
CA LEU B 200 -15.21 35.30 -28.06
C LEU B 200 -15.40 35.77 -29.51
N HIS B 201 -16.11 34.97 -30.31
CA HIS B 201 -16.41 35.36 -31.67
C HIS B 201 -17.59 36.32 -31.64
N GLN B 202 -17.56 37.34 -32.50
CA GLN B 202 -18.61 38.36 -32.48
C GLN B 202 -19.20 38.61 -33.85
N PHE B 203 -20.48 38.98 -33.86
CA PHE B 203 -21.18 39.39 -35.08
C PHE B 203 -21.87 40.72 -34.83
N GLU B 204 -21.89 41.61 -35.82
CA GLU B 204 -22.81 42.77 -35.79
C GLU B 204 -24.13 42.37 -36.45
N VAL B 205 -25.24 42.55 -35.75
CA VAL B 205 -26.56 42.15 -36.27
C VAL B 205 -27.56 43.31 -36.19
N PRO B 206 -28.55 43.35 -37.10
CA PRO B 206 -29.51 44.46 -36.99
C PRO B 206 -30.43 44.25 -35.78
N VAL B 207 -30.75 45.32 -35.05
CA VAL B 207 -31.57 45.22 -33.83
C VAL B 207 -32.97 44.64 -34.04
N ASP B 208 -33.49 44.68 -35.25
CA ASP B 208 -34.87 44.19 -35.46
C ASP B 208 -35.00 42.67 -35.34
N GLY B 209 -33.88 41.95 -35.42
CA GLY B 209 -33.90 40.50 -35.24
C GLY B 209 -33.56 40.03 -33.83
N LEU B 210 -33.28 40.96 -32.94
CA LEU B 210 -32.92 40.63 -31.56
C LEU B 210 -34.12 40.18 -30.73
N HIS B 211 -33.91 39.15 -29.91
CA HIS B 211 -34.85 38.78 -28.85
C HIS B 211 -34.10 38.81 -27.53
N ILE B 212 -34.40 39.82 -26.70
CA ILE B 212 -33.70 40.05 -25.43
C ILE B 212 -34.66 39.86 -24.26
N GLY B 213 -34.27 39.00 -23.32
CA GLY B 213 -34.93 38.93 -22.02
C GLY B 213 -34.03 39.65 -21.04
N ALA B 214 -34.63 40.39 -20.11
CA ALA B 214 -33.86 41.20 -19.15
C ALA B 214 -34.64 41.35 -17.86
N ASN B 215 -34.00 41.04 -16.72
CA ASN B 215 -34.58 41.24 -15.39
CA ASN B 215 -34.59 41.23 -15.40
C ASN B 215 -33.69 42.12 -14.55
N GLY B 216 -34.19 43.29 -14.15
CA GLY B 216 -33.40 44.23 -13.34
C GLY B 216 -32.29 44.91 -14.13
N LEU B 217 -32.29 44.67 -15.45
CA LEU B 217 -31.34 45.29 -16.38
C LEU B 217 -32.14 45.71 -17.59
N THR B 218 -31.68 46.77 -18.27
CA THR B 218 -32.30 47.19 -19.53
C THR B 218 -31.81 46.24 -20.62
N PRO B 219 -32.58 46.09 -21.71
CA PRO B 219 -32.07 45.34 -22.87
C PRO B 219 -30.67 45.76 -23.32
N GLN B 220 -30.36 47.05 -23.30
CA GLN B 220 -29.04 47.55 -23.68
C GLN B 220 -27.94 47.05 -22.73
N GLN B 221 -28.21 47.13 -21.42
CA GLN B 221 -27.30 46.56 -20.42
C GLN B 221 -27.02 45.04 -20.63
N VAL B 222 -28.04 44.28 -21.03
CA VAL B 222 -27.86 42.86 -21.33
C VAL B 222 -26.86 42.77 -22.47
N LEU B 223 -27.13 43.49 -23.56
CA LEU B 223 -26.19 43.60 -24.70
C LEU B 223 -24.77 43.91 -24.22
N ASP B 224 -24.62 44.99 -23.43
CA ASP B 224 -23.35 45.38 -22.85
C ASP B 224 -22.63 44.27 -22.06
N GLY B 225 -23.37 43.44 -21.35
CA GLY B 225 -22.76 42.35 -20.56
C GLY B 225 -22.04 41.32 -21.42
N PHE B 226 -22.59 41.03 -22.59
CA PHE B 226 -21.99 40.10 -23.56
C PHE B 226 -20.82 40.71 -24.32
N ALA B 227 -20.96 41.95 -24.74
CA ALA B 227 -20.01 42.58 -25.65
C ALA B 227 -20.01 44.10 -25.55
N ASP B 228 -18.83 44.69 -25.69
CA ASP B 228 -18.71 46.13 -25.89
C ASP B 228 -19.47 46.49 -27.16
N GLN B 229 -20.43 47.39 -27.03
CA GLN B 229 -21.36 47.71 -28.11
C GLN B 229 -20.91 48.90 -28.97
N GLN B 230 -19.85 49.57 -28.53
CA GLN B 230 -19.27 50.72 -29.24
C GLN B 230 -19.10 50.51 -30.76
N PRO B 231 -18.46 49.40 -31.20
CA PRO B 231 -18.28 49.17 -32.63
C PRO B 231 -19.53 48.99 -33.48
N ALA B 232 -20.70 48.87 -32.85
CA ALA B 232 -21.94 48.62 -33.59
C ALA B 232 -22.41 49.90 -34.28
N SER B 233 -22.91 49.77 -35.50
CA SER B 233 -23.44 50.93 -36.21
C SER B 233 -24.88 51.21 -35.73
N PRO B 234 -25.45 52.37 -36.11
CA PRO B 234 -26.84 52.65 -35.71
C PRO B 234 -27.76 51.57 -36.23
N GLY B 235 -28.77 51.22 -35.44
CA GLY B 235 -29.71 50.17 -35.78
C GLY B 235 -29.14 48.77 -35.67
N HIS B 236 -27.99 48.65 -34.99
CA HIS B 236 -27.27 47.38 -34.89
C HIS B 236 -26.71 47.10 -33.50
N ALA B 237 -26.30 45.86 -33.29
CA ALA B 237 -25.77 45.39 -32.03
C ALA B 237 -24.72 44.33 -32.28
N ILE B 238 -23.90 44.11 -31.26
CA ILE B 238 -22.86 43.09 -31.26
C ILE B 238 -23.23 41.95 -30.32
N ILE B 239 -23.27 40.73 -30.87
CA ILE B 239 -23.52 39.53 -30.09
C ILE B 239 -22.26 38.69 -30.15
N CYS B 240 -22.07 37.83 -29.16
CA CYS B 240 -20.89 36.96 -29.15
C CYS B 240 -21.29 35.48 -29.12
N MET B 241 -20.35 34.61 -29.47
CA MET B 241 -20.61 33.18 -29.52
C MET B 241 -19.31 32.46 -29.28
N HIS B 242 -19.40 31.22 -28.77
CA HIS B 242 -18.27 30.29 -28.79
C HIS B 242 -17.63 30.32 -30.19
N PRO B 243 -16.30 30.49 -30.28
CA PRO B 243 -15.66 30.46 -31.62
C PRO B 243 -15.99 29.22 -32.50
N VAL B 244 -16.21 28.08 -31.87
CA VAL B 244 -16.48 26.86 -32.60
C VAL B 244 -17.90 26.88 -33.19
N GLN B 245 -18.82 27.42 -32.41
CA GLN B 245 -20.20 27.54 -32.81
C GLN B 245 -20.26 28.57 -33.90
N ALA B 246 -19.44 29.62 -33.78
CA ALA B 246 -19.35 30.65 -34.81
C ALA B 246 -18.93 30.10 -36.19
N GLN B 247 -17.98 29.16 -36.22
CA GLN B 247 -17.52 28.50 -37.44
C GLN B 247 -18.62 27.59 -38.05
N LEU B 248 -19.21 26.74 -37.21
CA LEU B 248 -20.38 25.93 -37.57
C LEU B 248 -21.53 26.78 -38.09
N PHE B 249 -21.82 27.87 -37.36
CA PHE B 249 -22.85 28.82 -37.76
C PHE B 249 -22.63 29.29 -39.20
N MET B 250 -21.39 29.63 -39.52
CA MET B 250 -21.08 30.27 -40.80
C MET B 250 -20.93 29.28 -41.95
N GLN B 251 -21.03 27.99 -41.64
CA GLN B 251 -21.05 26.93 -42.63
C GLN B 251 -22.45 26.76 -43.20
N ASP B 252 -23.44 27.36 -42.53
CA ASP B 252 -24.83 27.30 -42.97
C ASP B 252 -25.10 28.29 -44.10
N ALA B 253 -25.81 27.80 -45.12
CA ALA B 253 -26.11 28.56 -46.32
C ALA B 253 -26.97 29.79 -46.01
N ARG B 254 -27.91 29.65 -45.07
CA ARG B 254 -28.71 30.78 -44.63
C ARG B 254 -27.81 31.92 -44.12
N VAL B 255 -26.78 31.56 -43.36
CA VAL B 255 -25.86 32.54 -42.77
C VAL B 255 -24.97 33.17 -43.84
N GLN B 256 -24.41 32.33 -44.73
CA GLN B 256 -23.61 32.84 -45.83
CA GLN B 256 -23.63 32.78 -45.90
C GLN B 256 -24.36 33.88 -46.65
N GLN B 257 -25.66 33.64 -46.86
CA GLN B 257 -26.53 34.59 -47.56
C GLN B 257 -26.57 35.97 -46.91
N LEU B 258 -26.82 35.99 -45.60
CA LEU B 258 -26.92 37.23 -44.84
C LEU B 258 -25.61 38.00 -44.85
N LEU B 259 -24.51 37.25 -44.83
CA LEU B 259 -23.16 37.81 -44.87
C LEU B 259 -22.89 38.43 -46.23
N ARG B 260 -23.14 37.63 -47.26
CA ARG B 260 -23.00 38.08 -48.63
CA ARG B 260 -23.03 38.07 -48.66
C ARG B 260 -23.82 39.35 -48.83
N ASP B 261 -25.07 39.32 -48.37
CA ASP B 261 -25.97 40.46 -48.53
C ASP B 261 -25.70 41.57 -47.49
N ASN B 262 -24.66 41.38 -46.68
CA ASN B 262 -24.31 42.33 -45.60
C ASN B 262 -25.40 42.68 -44.60
N VAL B 263 -26.25 41.70 -44.30
CA VAL B 263 -27.29 41.89 -43.27
C VAL B 263 -26.59 41.76 -41.91
N ILE B 264 -25.74 40.74 -41.78
CA ILE B 264 -24.86 40.62 -40.61
C ILE B 264 -23.39 40.69 -41.05
N ARG B 265 -22.52 41.07 -40.10
CA ARG B 265 -21.07 41.18 -40.30
C ARG B 265 -20.32 40.27 -39.31
N ASP B 266 -19.39 39.47 -39.83
CA ASP B 266 -18.52 38.63 -39.03
C ASP B 266 -17.39 39.52 -38.52
N LEU B 267 -17.29 39.66 -37.20
CA LEU B 267 -16.26 40.51 -36.60
C LEU B 267 -15.03 39.74 -36.10
N GLY B 268 -15.02 38.43 -36.34
CA GLY B 268 -13.90 37.60 -35.92
C GLY B 268 -13.84 37.39 -34.41
N GLN B 269 -12.74 36.79 -33.94
CA GLN B 269 -12.45 36.64 -32.52
C GLN B 269 -11.94 37.97 -31.97
N SER B 270 -12.89 38.88 -31.81
CA SER B 270 -12.64 40.22 -31.33
C SER B 270 -13.37 40.47 -30.01
N GLY B 271 -14.08 39.47 -29.50
CA GLY B 271 -14.83 39.60 -28.24
C GLY B 271 -13.96 39.57 -26.98
N ARG B 272 -14.63 39.48 -25.83
CA ARG B 272 -13.93 39.37 -24.54
C ARG B 272 -13.08 38.12 -24.52
N VAL B 273 -11.86 38.25 -24.02
CA VAL B 273 -11.01 37.09 -23.80
C VAL B 273 -11.50 36.43 -22.52
N ALA B 274 -11.95 35.19 -22.66
CA ALA B 274 -12.54 34.48 -21.55
C ALA B 274 -12.00 33.06 -21.44
N SER B 275 -12.32 32.41 -20.31
CA SER B 275 -11.88 31.06 -20.00
C SER B 275 -13.09 30.14 -19.92
N PRO B 276 -13.14 29.06 -20.74
CA PRO B 276 -14.26 28.13 -20.57
C PRO B 276 -14.25 27.45 -19.19
N THR B 277 -15.42 27.21 -18.62
CA THR B 277 -15.53 26.49 -17.35
C THR B 277 -15.76 25.01 -17.63
N ALA B 278 -15.98 24.21 -16.57
CA ALA B 278 -16.15 22.75 -16.70
C ALA B 278 -17.25 22.34 -17.66
N SER B 279 -18.26 23.18 -17.81
CA SER B 279 -19.37 22.90 -18.70
C SER B 279 -19.09 23.25 -20.18
N ILE B 280 -17.91 23.81 -20.45
CA ILE B 280 -17.34 24.00 -21.81
C ILE B 280 -17.87 25.23 -22.56
N ARG B 281 -19.19 25.41 -22.54
CA ARG B 281 -19.85 26.48 -23.32
C ARG B 281 -20.28 27.68 -22.45
N THR B 282 -19.86 27.64 -21.18
CA THR B 282 -19.99 28.77 -20.29
C THR B 282 -18.61 29.30 -19.99
N TRP B 283 -18.45 30.59 -20.23
CA TRP B 283 -17.17 31.25 -20.09
C TRP B 283 -17.08 32.18 -18.90
N PHE B 284 -15.90 32.16 -18.28
CA PHE B 284 -15.61 32.96 -17.11
C PHE B 284 -14.63 34.07 -17.47
N ILE B 285 -14.87 35.26 -16.89
CA ILE B 285 -13.95 36.41 -17.00
C ILE B 285 -13.85 37.02 -15.61
N ASP B 286 -12.68 36.91 -14.98
CA ASP B 286 -12.49 37.44 -13.63
C ASP B 286 -12.63 38.93 -13.73
N ASP B 287 -13.36 39.55 -12.83
CA ASP B 287 -13.54 41.02 -12.94
C ASP B 287 -14.76 41.46 -13.74
N HIS B 288 -15.35 40.56 -14.54
CA HIS B 288 -16.55 40.92 -15.26
C HIS B 288 -17.74 40.56 -14.37
N ASP B 289 -18.83 41.30 -14.50
CA ASP B 289 -20.02 41.01 -13.73
C ASP B 289 -20.72 39.71 -14.06
N TYR B 290 -20.36 39.07 -15.19
CA TYR B 290 -21.16 37.96 -15.77
C TYR B 290 -20.29 36.87 -16.33
N PHE B 291 -20.73 35.62 -16.16
CA PHE B 291 -20.30 34.52 -17.02
C PHE B 291 -21.06 34.72 -18.30
N ILE B 292 -20.54 34.17 -19.39
CA ILE B 292 -21.25 34.14 -20.67
C ILE B 292 -21.47 32.70 -21.07
N LYS B 293 -22.74 32.32 -21.18
CA LYS B 293 -23.12 30.97 -21.56
C LYS B 293 -23.71 31.07 -22.96
N GLY B 294 -23.26 30.21 -23.86
CA GLY B 294 -23.74 30.22 -25.22
C GLY B 294 -24.07 28.80 -25.69
N SER B 295 -24.73 28.71 -26.84
CA SER B 295 -24.95 27.41 -27.46
C SER B 295 -23.68 26.85 -28.07
N LEU B 296 -23.53 25.54 -27.96
CA LEU B 296 -22.49 24.82 -28.66
C LEU B 296 -23.04 23.48 -29.16
N ASN B 297 -23.01 23.29 -30.48
CA ASN B 297 -23.51 22.05 -31.10
C ASN B 297 -22.48 20.93 -31.04
N VAL B 298 -22.16 20.49 -29.81
CA VAL B 298 -21.23 19.38 -29.58
C VAL B 298 -21.83 18.61 -28.40
N ARG B 299 -21.65 17.29 -28.36
CA ARG B 299 -22.18 16.55 -27.22
C ARG B 299 -21.17 16.44 -26.09
N ILE B 300 -21.62 16.79 -24.89
CA ILE B 300 -20.81 16.73 -23.69
C ILE B 300 -21.63 15.92 -22.70
N THR B 301 -20.99 14.88 -22.15
CA THR B 301 -21.67 13.80 -21.45
C THR B 301 -22.97 13.41 -22.18
N ASN B 302 -24.13 13.60 -21.56
CA ASN B 302 -25.40 13.12 -22.14
C ASN B 302 -26.08 13.99 -23.21
N CYS B 303 -25.80 15.29 -23.21
CA CYS B 303 -26.56 16.25 -24.05
C CYS B 303 -25.71 17.00 -25.08
N VAL B 304 -26.29 17.25 -26.26
CA VAL B 304 -25.75 18.25 -27.17
C VAL B 304 -26.02 19.60 -26.53
N ARG B 305 -24.97 20.37 -26.31
CA ARG B 305 -25.04 21.52 -25.39
C ARG B 305 -25.52 22.83 -26.04
N LYS B 306 -26.71 22.76 -26.63
CA LYS B 306 -27.34 23.92 -27.25
C LYS B 306 -28.66 24.25 -26.56
N ASN B 307 -29.05 25.53 -26.59
CA ASN B 307 -30.23 26.01 -25.89
C ASN B 307 -31.31 26.48 -26.85
N ALA B 308 -32.44 25.77 -26.87
CA ALA B 308 -33.57 26.08 -27.77
C ALA B 308 -34.28 27.37 -27.35
N TRP B 309 -35.03 27.97 -28.30
CA TRP B 309 -35.69 29.26 -28.08
C TRP B 309 -36.55 29.28 -26.81
N TYR B 310 -37.31 28.21 -26.57
CA TYR B 310 -38.20 28.15 -25.40
C TYR B 310 -37.42 28.00 -24.09
N GLU B 311 -36.21 27.45 -24.20
CA GLU B 311 -35.30 27.35 -23.07
C GLU B 311 -34.67 28.70 -22.76
N LEU B 312 -34.31 29.46 -23.79
CA LEU B 312 -33.92 30.87 -23.61
C LEU B 312 -35.01 31.70 -22.94
N GLU B 313 -36.26 31.46 -23.34
CA GLU B 313 -37.36 32.20 -22.75
C GLU B 313 -37.60 31.79 -21.30
N SER B 314 -37.47 30.50 -21.01
CA SER B 314 -37.77 30.01 -19.66
C SER B 314 -36.76 30.52 -18.62
N THR B 315 -35.54 30.81 -19.08
CA THR B 315 -34.43 31.28 -18.23
C THR B 315 -34.83 32.61 -17.58
N VAL B 316 -35.35 33.50 -18.42
CA VAL B 316 -35.87 34.80 -18.02
C VAL B 316 -36.98 34.64 -16.95
N LEU B 317 -37.90 33.72 -17.21
CA LEU B 317 -39.02 33.47 -16.30
C LEU B 317 -38.57 32.91 -14.95
N ILE B 318 -37.64 31.95 -14.99
CA ILE B 318 -37.06 31.40 -13.78
C ILE B 318 -36.31 32.48 -12.99
N ASP B 319 -35.50 33.29 -13.67
CA ASP B 319 -34.78 34.36 -12.98
C ASP B 319 -35.72 35.32 -12.25
N ARG B 320 -36.78 35.73 -12.95
CA ARG B 320 -37.86 36.53 -12.40
C ARG B 320 -38.49 35.84 -11.19
N LEU B 321 -38.78 34.55 -11.31
CA LEU B 321 -39.34 33.79 -10.16
C LEU B 321 -38.44 33.80 -8.90
N PHE B 322 -37.14 33.55 -9.08
CA PHE B 322 -36.25 33.56 -7.94
C PHE B 322 -36.18 34.93 -7.28
N ARG B 323 -36.24 35.98 -8.09
CA ARG B 323 -36.28 37.34 -7.54
C ARG B 323 -37.60 37.55 -6.79
N GLN B 324 -38.70 37.02 -7.33
CA GLN B 324 -40.00 37.13 -6.65
C GLN B 324 -39.99 36.38 -5.31
N LEU B 325 -39.45 35.18 -5.31
CA LEU B 325 -39.40 34.35 -4.12
C LEU B 325 -38.52 34.95 -3.00
N LEU B 326 -37.35 35.47 -3.38
CA LEU B 326 -36.46 36.16 -2.43
C LEU B 326 -37.07 37.46 -1.91
N ASP B 327 -37.67 38.27 -2.78
CA ASP B 327 -38.35 39.49 -2.37
C ASP B 327 -39.48 39.23 -1.38
N GLN B 328 -40.25 38.17 -1.59
CA GLN B 328 -41.46 37.95 -0.80
C GLN B 328 -41.48 36.78 0.17
N HIS B 329 -40.65 35.76 -0.07
CA HIS B 329 -40.78 34.49 0.65
C HIS B 329 -39.47 33.89 1.16
N ALA B 330 -38.48 34.74 1.38
CA ALA B 330 -37.13 34.29 1.69
C ALA B 330 -37.12 33.32 2.86
N ASP B 331 -38.03 33.54 3.81
CA ASP B 331 -38.10 32.73 5.02
C ASP B 331 -38.55 31.29 4.77
N THR B 332 -39.00 30.99 3.55
CA THR B 332 -39.40 29.62 3.23
C THR B 332 -38.50 28.99 2.14
N LEU B 333 -37.34 29.60 1.95
CA LEU B 333 -36.40 29.21 0.91
C LEU B 333 -35.20 28.42 1.46
N GLY B 334 -35.10 28.33 2.79
CA GLY B 334 -34.09 27.48 3.43
C GLY B 334 -32.65 27.95 3.36
N GLY B 335 -32.48 29.26 3.23
CA GLY B 335 -31.14 29.88 3.16
C GLY B 335 -30.58 29.78 1.74
N LEU B 336 -31.47 29.88 0.77
CA LEU B 336 -31.12 29.76 -0.64
C LEU B 336 -30.10 30.80 -1.11
N VAL B 337 -28.99 30.29 -1.65
CA VAL B 337 -28.00 31.07 -2.42
C VAL B 337 -27.98 30.58 -3.90
N ALA B 338 -28.40 31.44 -4.84
CA ALA B 338 -28.38 31.11 -6.29
C ALA B 338 -27.79 32.20 -7.17
N ALA B 339 -27.09 31.80 -8.24
CA ALA B 339 -26.50 32.76 -9.15
C ALA B 339 -27.60 33.16 -10.10
N ALA B 340 -27.89 34.46 -10.17
CA ALA B 340 -28.94 34.96 -11.06
C ALA B 340 -28.58 34.79 -12.54
N GLU B 341 -29.58 34.85 -13.40
CA GLU B 341 -29.39 34.80 -14.85
C GLU B 341 -30.24 35.92 -15.42
N PRO B 342 -29.74 37.16 -15.32
CA PRO B 342 -30.64 38.30 -15.56
C PRO B 342 -30.81 38.68 -17.01
N GLY B 343 -30.00 38.12 -17.91
CA GLY B 343 -30.05 38.50 -19.31
C GLY B 343 -29.95 37.33 -20.25
N VAL B 344 -30.71 37.40 -21.34
CA VAL B 344 -30.69 36.38 -22.37
C VAL B 344 -30.76 37.13 -23.70
N VAL B 345 -30.04 36.66 -24.71
CA VAL B 345 -30.11 37.25 -26.04
C VAL B 345 -30.16 36.16 -27.12
N SER B 346 -30.85 36.44 -28.22
CA SER B 346 -30.69 35.64 -29.43
C SER B 346 -31.08 36.52 -30.60
N TRP B 347 -30.81 36.05 -31.81
CA TRP B 347 -31.06 36.86 -32.99
C TRP B 347 -31.57 35.94 -34.07
N SER B 348 -32.54 36.43 -34.87
CA SER B 348 -32.92 35.74 -36.11
C SER B 348 -33.40 36.81 -37.10
N PRO B 349 -33.32 36.52 -38.41
CA PRO B 349 -33.77 37.58 -39.34
C PRO B 349 -35.24 37.92 -39.07
N ALA B 350 -35.57 39.21 -39.09
CA ALA B 350 -36.93 39.67 -38.76
C ALA B 350 -38.02 39.05 -39.66
N ALA B 351 -37.64 38.69 -40.89
CA ALA B 351 -38.57 38.18 -41.90
C ALA B 351 -38.79 36.67 -41.81
N ALA B 352 -37.85 35.97 -41.17
CA ALA B 352 -37.72 34.51 -41.22
C ALA B 352 -38.97 33.72 -40.83
N GLY B 353 -39.11 32.55 -41.45
CA GLY B 353 -40.15 31.60 -41.08
C GLY B 353 -39.81 30.94 -39.75
N GLU B 354 -40.84 30.42 -39.09
CA GLU B 354 -40.74 29.80 -37.78
C GLU B 354 -39.55 28.84 -37.63
N LEU B 355 -39.41 27.91 -38.59
CA LEU B 355 -38.33 26.91 -38.59
C LEU B 355 -36.95 27.58 -38.59
N ASP B 356 -36.75 28.51 -39.52
CA ASP B 356 -35.52 29.26 -39.67
C ASP B 356 -35.23 30.12 -38.44
N SER B 357 -36.30 30.73 -37.92
CA SER B 357 -36.23 31.61 -36.77
C SER B 357 -35.77 30.86 -35.52
N HIS B 358 -36.27 29.63 -35.38
CA HIS B 358 -35.90 28.76 -34.26
C HIS B 358 -34.45 28.32 -34.34
N TRP B 359 -34.03 27.92 -35.54
CA TRP B 359 -32.65 27.52 -35.80
C TRP B 359 -31.68 28.66 -35.45
N PHE B 360 -31.94 29.86 -35.96
CA PHE B 360 -31.09 31.02 -35.69
C PHE B 360 -31.03 31.38 -34.21
N ARG B 361 -32.16 31.29 -33.52
CA ARG B 361 -32.24 31.66 -32.12
C ARG B 361 -31.42 30.71 -31.26
N GLU B 362 -31.49 29.42 -31.56
CA GLU B 362 -30.70 28.40 -30.86
C GLU B 362 -29.22 28.58 -31.15
N GLN B 363 -28.90 28.92 -32.39
CA GLN B 363 -27.51 29.12 -32.81
C GLN B 363 -26.85 30.30 -32.08
N THR B 364 -27.58 31.41 -32.00
CA THR B 364 -27.05 32.67 -31.47
C THR B 364 -27.35 32.88 -29.99
N GLY B 365 -28.02 31.90 -29.38
CA GLY B 365 -28.51 32.03 -28.02
C GLY B 365 -27.41 32.27 -27.01
N GLY B 366 -27.66 33.20 -26.08
CA GLY B 366 -26.62 33.63 -25.12
C GLY B 366 -27.31 33.94 -23.80
N ILE B 367 -26.70 33.52 -22.70
CA ILE B 367 -27.24 33.81 -21.36
C ILE B 367 -26.17 34.47 -20.50
N LEU B 368 -26.55 35.53 -19.77
CA LEU B 368 -25.67 36.10 -18.73
C LEU B 368 -25.95 35.44 -17.40
N ARG B 369 -24.92 34.86 -16.78
CA ARG B 369 -25.03 34.39 -15.42
C ARG B 369 -24.27 35.37 -14.52
N GLU B 370 -24.87 35.76 -13.41
CA GLU B 370 -24.13 36.55 -12.42
C GLU B 370 -22.75 35.92 -12.08
N ASN B 371 -21.67 36.69 -12.19
CA ASN B 371 -20.38 36.21 -11.70
C ASN B 371 -20.36 36.32 -10.19
N PHE B 372 -20.82 35.26 -9.53
CA PHE B 372 -20.96 35.26 -8.08
C PHE B 372 -19.65 35.51 -7.32
N CYS B 373 -18.50 35.27 -7.94
CA CYS B 373 -17.20 35.46 -7.28
C CYS B 373 -16.99 36.88 -6.80
N ARG B 374 -17.72 37.82 -7.40
CA ARG B 374 -17.68 39.22 -6.99
CA ARG B 374 -17.67 39.21 -6.98
C ARG B 374 -18.21 39.37 -5.56
N ARG B 375 -19.18 38.54 -5.19
CA ARG B 375 -19.75 38.60 -3.84
C ARG B 375 -19.31 37.47 -2.90
N THR B 376 -18.81 36.37 -3.47
CA THR B 376 -18.43 35.21 -2.68
C THR B 376 -16.92 35.03 -2.59
N GLY B 377 -16.16 35.64 -3.52
CA GLY B 377 -14.70 35.57 -3.48
C GLY B 377 -14.09 34.39 -4.22
N ALA B 378 -13.24 34.69 -5.18
CA ALA B 378 -12.65 33.67 -6.05
C ALA B 378 -11.86 32.62 -5.29
N GLU B 379 -11.21 33.02 -4.19
CA GLU B 379 -10.38 32.12 -3.37
C GLU B 379 -11.20 31.40 -2.28
N ARG B 380 -12.52 31.61 -2.29
CA ARG B 380 -13.43 31.03 -1.28
C ARG B 380 -14.51 30.15 -1.91
N SER B 381 -14.48 30.03 -3.24
CA SER B 381 -15.58 29.39 -3.97
C SER B 381 -15.01 28.25 -4.80
N ILE B 382 -15.58 27.06 -4.64
CA ILE B 382 -15.06 25.87 -5.31
C ILE B 382 -16.23 25.08 -5.89
N MET B 383 -16.19 24.80 -7.19
CA MET B 383 -17.20 23.91 -7.82
C MET B 383 -17.21 22.57 -7.08
N ALA B 384 -18.40 22.11 -6.69
CA ALA B 384 -18.52 20.92 -5.84
C ALA B 384 -17.97 19.64 -6.49
N GLY B 385 -18.11 19.51 -7.81
CA GLY B 385 -17.59 18.33 -8.52
C GLY B 385 -16.09 18.16 -8.30
N THR B 386 -15.34 19.25 -8.44
CA THR B 386 -13.89 19.27 -8.22
C THR B 386 -13.54 19.13 -6.75
N LEU B 387 -14.32 19.76 -5.88
CA LEU B 387 -14.10 19.65 -4.45
C LEU B 387 -14.08 18.20 -4.01
N PHE B 388 -14.94 17.38 -4.63
CA PHE B 388 -15.07 15.97 -4.24
C PHE B 388 -14.44 14.99 -5.23
N ALA B 389 -13.54 15.51 -6.06
CA ALA B 389 -12.85 14.77 -7.11
C ALA B 389 -11.50 14.25 -6.63
N ARG B 390 -10.91 13.40 -7.47
CA ARG B 390 -9.55 12.93 -7.25
C ARG B 390 -8.59 13.83 -8.04
N GLY B 391 -7.41 14.06 -7.47
CA GLY B 391 -6.38 14.83 -8.16
C GLY B 391 -5.61 13.99 -9.14
N VAL B 392 -4.55 14.56 -9.70
CA VAL B 392 -3.76 13.86 -10.74
C VAL B 392 -3.04 12.62 -10.18
N ASP B 393 -3.04 12.47 -8.87
CA ASP B 393 -2.47 11.30 -8.20
C ASP B 393 -3.57 10.31 -7.76
N LEU B 394 -4.79 10.57 -8.23
CA LEU B 394 -5.97 9.76 -7.93
C LEU B 394 -6.32 9.71 -6.43
N GLN B 395 -5.82 10.68 -5.67
CA GLN B 395 -6.22 10.85 -4.27
C GLN B 395 -7.30 11.93 -4.19
N PRO B 396 -8.31 11.73 -3.32
CA PRO B 396 -9.35 12.77 -3.17
C PRO B 396 -8.72 14.06 -2.70
N MET B 397 -8.94 15.16 -3.42
CA MET B 397 -8.22 16.41 -3.15
C MET B 397 -8.62 17.06 -1.83
N ILE B 398 -9.83 16.76 -1.37
CA ILE B 398 -10.40 17.40 -0.17
C ILE B 398 -9.64 17.08 1.12
N GLN B 399 -8.95 15.94 1.14
CA GLN B 399 -8.18 15.48 2.31
C GLN B 399 -7.07 16.46 2.66
N THR B 400 -6.24 16.78 1.67
CA THR B 400 -5.15 17.73 1.89
C THR B 400 -5.67 19.16 2.01
N PHE B 401 -6.69 19.50 1.24
CA PHE B 401 -7.38 20.78 1.39
C PHE B 401 -7.85 21.01 2.84
N LEU B 402 -8.57 20.05 3.39
CA LEU B 402 -9.03 20.16 4.76
C LEU B 402 -7.86 20.24 5.76
N ARG B 403 -6.88 19.34 5.60
CA ARG B 403 -5.69 19.36 6.45
C ARG B 403 -5.03 20.75 6.52
N THR B 404 -4.80 21.38 5.37
CA THR B 404 -4.19 22.70 5.32
CA THR B 404 -4.21 22.71 5.28
C THR B 404 -5.00 23.75 6.09
N HIS B 405 -6.32 23.72 5.92
CA HIS B 405 -7.21 24.68 6.59
C HIS B 405 -7.43 24.44 8.07
N TYR B 406 -7.44 23.18 8.48
CA TYR B 406 -7.60 22.86 9.89
C TYR B 406 -6.26 22.81 10.63
N GLY B 407 -5.18 23.01 9.87
CA GLY B 407 -3.83 23.10 10.42
C GLY B 407 -3.29 21.78 10.90
N GLU B 408 -4.13 20.74 10.80
CA GLU B 408 -3.79 19.41 11.29
C GLU B 408 -4.65 18.35 10.60
N ALA B 409 -4.22 17.10 10.68
CA ALA B 409 -5.04 15.96 10.28
C ALA B 409 -6.36 15.99 11.07
N LEU B 410 -7.47 16.05 10.35
CA LEU B 410 -8.79 16.11 10.98
C LEU B 410 -9.17 14.76 11.57
N ASP B 411 -9.59 14.77 12.83
CA ASP B 411 -10.05 13.54 13.44
C ASP B 411 -11.46 13.22 12.94
N ASP B 412 -12.03 12.14 13.46
CA ASP B 412 -13.33 11.67 12.99
C ASP B 412 -14.44 12.69 13.19
N ASN B 413 -14.47 13.31 14.37
CA ASN B 413 -15.50 14.28 14.70
C ASN B 413 -15.42 15.52 13.82
N ALA B 414 -14.19 15.93 13.49
CA ALA B 414 -13.98 17.08 12.61
C ALA B 414 -14.54 16.83 11.22
N LEU B 415 -14.31 15.64 10.66
CA LEU B 415 -14.88 15.26 9.36
C LEU B 415 -16.41 15.24 9.43
N LEU B 416 -16.93 14.61 10.48
CA LEU B 416 -18.36 14.51 10.73
C LEU B 416 -19.05 15.87 10.84
N TYR B 417 -18.41 16.80 11.53
CA TYR B 417 -18.94 18.14 11.73
C TYR B 417 -18.87 18.97 10.43
N TRP B 418 -17.74 18.89 9.73
CA TRP B 418 -17.63 19.49 8.39
C TRP B 418 -18.74 18.98 7.47
N PHE B 419 -18.91 17.66 7.41
CA PHE B 419 -19.94 17.05 6.57
C PHE B 419 -21.34 17.56 6.91
N ASP B 420 -21.64 17.59 8.21
CA ASP B 420 -22.95 18.03 8.69
C ASP B 420 -23.29 19.44 8.20
N ASP B 421 -22.35 20.36 8.38
CA ASP B 421 -22.45 21.73 7.89
C ASP B 421 -22.64 21.79 6.38
N TYR B 422 -21.85 21.00 5.67
CA TYR B 422 -21.98 20.92 4.21
C TYR B 422 -23.37 20.46 3.78
N GLN B 423 -23.80 19.30 4.25
CA GLN B 423 -25.04 18.68 3.76
C GLN B 423 -26.31 19.50 4.10
N THR B 424 -26.28 20.22 5.22
CA THR B 424 -27.42 21.05 5.61
CA THR B 424 -27.39 21.07 5.64
C THR B 424 -27.58 22.22 4.67
N ARG B 425 -26.45 22.80 4.23
CA ARG B 425 -26.47 23.93 3.33
C ARG B 425 -26.87 23.56 1.91
N LEU B 426 -26.75 22.27 1.58
CA LEU B 426 -27.25 21.74 0.31
C LEU B 426 -28.74 21.38 0.40
N LEU B 427 -29.08 20.60 1.43
CA LEU B 427 -30.42 19.98 1.50
C LEU B 427 -31.53 20.96 1.80
N ARG B 428 -31.29 21.88 2.72
CA ARG B 428 -32.27 22.88 3.12
C ARG B 428 -32.86 23.72 1.97
N PRO B 429 -32.00 24.43 1.19
CA PRO B 429 -32.54 25.23 0.11
C PRO B 429 -33.27 24.36 -0.91
N VAL B 430 -32.72 23.20 -1.25
CA VAL B 430 -33.28 22.38 -2.34
C VAL B 430 -34.65 21.84 -1.94
N LEU B 431 -34.76 21.34 -0.70
CA LEU B 431 -35.99 20.75 -0.24
C LEU B 431 -37.03 21.80 0.11
N SER B 432 -36.60 22.95 0.65
CA SER B 432 -37.52 24.07 0.84
C SER B 432 -38.13 24.52 -0.49
N LEU B 433 -37.30 24.72 -1.51
CA LEU B 433 -37.80 25.09 -2.82
C LEU B 433 -38.77 24.06 -3.38
N PHE B 434 -38.43 22.77 -3.27
CA PHE B 434 -39.29 21.74 -3.84
C PHE B 434 -40.62 21.62 -3.10
N PHE B 435 -40.57 21.57 -1.77
CA PHE B 435 -41.79 21.34 -0.99
C PHE B 435 -42.65 22.58 -0.75
N ASN B 436 -42.03 23.72 -0.47
CA ASN B 436 -42.78 24.95 -0.25
C ASN B 436 -43.26 25.62 -1.54
N HIS B 437 -42.54 25.41 -2.66
CA HIS B 437 -42.82 26.19 -3.89
C HIS B 437 -42.99 25.39 -5.19
N GLY B 438 -42.72 24.09 -5.17
CA GLY B 438 -42.82 23.29 -6.40
C GLY B 438 -41.72 23.59 -7.41
N VAL B 439 -40.61 24.12 -6.92
CA VAL B 439 -39.46 24.47 -7.74
C VAL B 439 -38.43 23.33 -7.67
N VAL B 440 -38.14 22.73 -8.83
CA VAL B 440 -37.23 21.60 -8.93
C VAL B 440 -35.84 22.06 -9.44
N MET B 441 -34.88 22.25 -8.54
CA MET B 441 -33.48 22.43 -8.96
C MET B 441 -32.91 21.16 -9.55
N GLU B 442 -31.69 21.27 -10.11
CA GLU B 442 -30.89 20.09 -10.44
C GLU B 442 -29.55 20.18 -9.69
N PRO B 443 -29.55 19.84 -8.39
CA PRO B 443 -28.40 20.15 -7.50
C PRO B 443 -27.28 19.09 -7.57
N HIS B 444 -26.89 18.73 -8.79
CA HIS B 444 -25.78 17.82 -8.98
C HIS B 444 -24.47 18.56 -8.78
N LEU B 445 -23.37 17.82 -8.80
CA LEU B 445 -22.06 18.33 -8.41
C LEU B 445 -21.53 19.54 -9.20
N GLN B 446 -21.84 19.60 -10.48
CA GLN B 446 -21.45 20.73 -11.31
C GLN B 446 -22.35 21.98 -11.15
N ASN B 447 -23.59 21.81 -10.70
CA ASN B 447 -24.47 22.95 -10.44
C ASN B 447 -24.31 23.52 -9.04
N SER B 448 -23.35 23.03 -8.27
CA SER B 448 -23.16 23.47 -6.88
C SER B 448 -21.77 24.04 -6.67
N VAL B 449 -21.69 25.11 -5.89
CA VAL B 449 -20.40 25.72 -5.59
C VAL B 449 -20.29 25.97 -4.09
N LEU B 450 -19.30 25.33 -3.47
CA LEU B 450 -19.08 25.59 -2.06
C LEU B 450 -18.48 26.97 -1.86
N VAL B 451 -19.09 27.76 -0.98
CA VAL B 451 -18.45 28.98 -0.48
C VAL B 451 -17.95 28.67 0.93
N HIS B 452 -16.64 28.79 1.16
CA HIS B 452 -16.07 28.42 2.45
C HIS B 452 -15.28 29.58 3.05
N GLN B 453 -15.14 29.57 4.38
CA GLN B 453 -14.33 30.54 5.09
C GLN B 453 -13.27 29.76 5.83
N GLN B 454 -12.04 29.82 5.32
CA GLN B 454 -10.95 29.05 5.87
C GLN B 454 -11.33 27.55 5.95
N GLY B 455 -12.03 27.08 4.91
CA GLY B 455 -12.42 25.70 4.79
C GLY B 455 -13.76 25.32 5.41
N ARG B 456 -14.29 26.18 6.28
CA ARG B 456 -15.59 25.92 6.91
C ARG B 456 -16.70 26.29 5.95
N PRO B 457 -17.62 25.33 5.68
CA PRO B 457 -18.73 25.55 4.75
C PRO B 457 -19.61 26.71 5.17
N GLN B 458 -19.81 27.66 4.27
CA GLN B 458 -20.64 28.83 4.55
C GLN B 458 -21.97 28.71 3.81
N GLN B 459 -21.90 28.46 2.50
CA GLN B 459 -23.07 28.35 1.63
C GLN B 459 -22.77 27.35 0.51
N VAL B 460 -23.82 26.70 -0.01
CA VAL B 460 -23.68 25.92 -1.23
C VAL B 460 -24.49 26.63 -2.30
N LEU B 461 -23.83 27.47 -3.08
CA LEU B 461 -24.49 28.22 -4.12
C LEU B 461 -24.99 27.24 -5.18
N LEU B 462 -26.21 27.45 -5.67
CA LEU B 462 -26.75 26.64 -6.77
C LEU B 462 -26.87 27.45 -8.04
N ARG B 463 -26.65 26.81 -9.18
CA ARG B 463 -26.78 27.52 -10.45
C ARG B 463 -27.49 26.69 -11.51
N ASP B 464 -27.79 27.34 -12.64
CA ASP B 464 -28.23 26.72 -13.89
C ASP B 464 -29.73 26.68 -14.02
N PHE B 465 -30.31 27.82 -14.37
CA PHE B 465 -31.74 27.97 -14.45
C PHE B 465 -32.38 27.12 -15.56
N GLU B 466 -31.57 26.76 -16.57
CA GLU B 466 -32.03 25.93 -17.67
C GLU B 466 -32.47 24.58 -17.14
N GLY B 467 -31.81 24.14 -16.09
CA GLY B 467 -32.21 22.91 -15.43
C GLY B 467 -33.50 22.97 -14.62
N VAL B 468 -33.93 24.19 -14.25
CA VAL B 468 -35.02 24.33 -13.29
C VAL B 468 -36.38 23.97 -13.89
N LYS B 469 -37.13 23.17 -13.14
CA LYS B 469 -38.47 22.75 -13.51
C LYS B 469 -39.48 23.16 -12.45
N LEU B 470 -40.76 23.16 -12.83
CA LEU B 470 -41.83 23.57 -11.96
C LEU B 470 -42.90 22.48 -11.92
N THR B 471 -43.31 22.07 -10.73
CA THR B 471 -44.23 20.92 -10.58
C THR B 471 -45.66 21.25 -11.03
N ASP B 472 -46.32 20.25 -11.61
CA ASP B 472 -47.72 20.39 -12.07
C ASP B 472 -48.71 20.85 -10.99
N ASP B 473 -48.48 20.44 -9.74
CA ASP B 473 -49.42 20.72 -8.67
C ASP B 473 -49.14 22.02 -7.90
N LEU B 474 -47.92 22.54 -7.99
CA LEU B 474 -47.53 23.73 -7.21
C LEU B 474 -46.72 24.77 -8.01
N GLY B 475 -45.52 24.39 -8.47
CA GLY B 475 -44.60 25.33 -9.13
C GLY B 475 -45.10 26.00 -10.40
N ILE B 476 -45.73 25.23 -11.29
CA ILE B 476 -46.22 25.75 -12.56
C ILE B 476 -47.26 26.90 -12.43
N ARG B 477 -47.92 26.98 -11.27
CA ARG B 477 -48.85 28.08 -10.96
C ARG B 477 -48.18 29.46 -10.92
N TYR B 478 -46.86 29.48 -10.84
CA TYR B 478 -46.14 30.74 -10.91
C TYR B 478 -46.03 31.24 -12.35
N ILE B 479 -46.31 30.37 -13.32
CA ILE B 479 -46.31 30.76 -14.74
C ILE B 479 -47.63 31.43 -15.16
N ASP B 480 -47.53 32.64 -15.72
CA ASP B 480 -48.69 33.43 -16.16
C ASP B 480 -49.44 32.78 -17.31
N ASP B 481 -50.73 33.06 -17.41
CA ASP B 481 -51.59 32.45 -18.44
C ASP B 481 -51.24 32.93 -19.86
N ASP B 482 -50.46 34.00 -19.98
CA ASP B 482 -50.07 34.53 -21.30
C ASP B 482 -48.74 34.01 -21.83
N ILE B 483 -48.13 33.08 -21.12
CA ILE B 483 -46.85 32.52 -21.54
C ILE B 483 -47.11 31.56 -22.69
N HIS B 484 -46.20 31.53 -23.65
CA HIS B 484 -46.29 30.57 -24.75
C HIS B 484 -46.36 29.12 -24.22
N PRO B 485 -47.36 28.33 -24.68
CA PRO B 485 -47.46 26.93 -24.29
C PRO B 485 -46.17 26.11 -24.39
N ARG B 486 -45.33 26.38 -25.39
CA ARG B 486 -44.07 25.64 -25.52
C ARG B 486 -43.10 25.96 -24.37
N VAL B 487 -43.16 27.18 -23.87
CA VAL B 487 -42.31 27.60 -22.74
C VAL B 487 -42.81 26.94 -21.45
N ARG B 488 -44.12 27.03 -21.19
CA ARG B 488 -44.73 26.30 -20.07
C ARG B 488 -44.43 24.80 -20.11
N GLN B 489 -44.48 24.21 -21.30
CA GLN B 489 -44.20 22.78 -21.45
C GLN B 489 -42.75 22.41 -21.07
N SER B 490 -41.80 23.23 -21.54
CA SER B 490 -40.38 23.07 -21.24
C SER B 490 -40.10 23.13 -19.71
N LEU B 491 -40.88 23.94 -19.02
CA LEU B 491 -40.74 24.09 -17.57
C LEU B 491 -41.43 22.99 -16.75
N LEU B 492 -42.47 22.38 -17.30
CA LEU B 492 -43.31 21.48 -16.52
C LEU B 492 -42.71 20.11 -16.21
N TYR B 493 -42.65 19.78 -14.93
CA TYR B 493 -42.43 18.42 -14.46
C TYR B 493 -43.61 17.97 -13.61
N SER B 494 -43.94 16.69 -13.63
CA SER B 494 -44.85 16.14 -12.62
C SER B 494 -44.12 16.16 -11.28
N ARG B 495 -44.88 16.23 -10.18
CA ARG B 495 -44.30 16.20 -8.85
C ARG B 495 -43.39 14.98 -8.66
N GLU B 496 -43.78 13.85 -9.27
CA GLU B 496 -42.98 12.62 -9.24
C GLU B 496 -41.67 12.72 -10.03
N GLN B 497 -41.74 13.27 -11.23
CA GLN B 497 -40.50 13.57 -11.98
C GLN B 497 -39.56 14.50 -11.20
N GLY B 498 -40.13 15.56 -10.63
CA GLY B 498 -39.39 16.49 -9.80
C GLY B 498 -38.69 15.79 -8.66
N TRP B 499 -39.41 14.91 -7.95
CA TRP B 499 -38.86 14.24 -6.77
C TRP B 499 -37.74 13.24 -7.09
N ASN B 500 -37.94 12.48 -8.17
CA ASN B 500 -36.91 11.56 -8.67
C ASN B 500 -35.61 12.26 -9.06
N ARG B 501 -35.70 13.41 -9.71
CA ARG B 501 -34.50 14.18 -10.03
C ARG B 501 -33.81 14.68 -8.74
N ILE B 502 -34.60 15.24 -7.83
CA ILE B 502 -34.11 15.77 -6.57
C ILE B 502 -33.40 14.67 -5.76
N MET B 503 -34.02 13.50 -5.74
CA MET B 503 -33.52 12.31 -5.05
C MET B 503 -32.20 11.88 -5.64
N TYR B 504 -32.19 11.69 -6.95
CA TYR B 504 -30.97 11.30 -7.63
C TYR B 504 -29.86 12.33 -7.44
N CYS B 505 -30.16 13.60 -7.69
CA CYS B 505 -29.13 14.63 -7.62
C CYS B 505 -28.56 14.79 -6.22
N LEU B 506 -29.44 14.83 -5.21
CA LEU B 506 -29.01 15.19 -3.85
C LEU B 506 -28.19 14.09 -3.19
N PHE B 507 -28.65 12.84 -3.34
CA PHE B 507 -28.15 11.73 -2.54
C PHE B 507 -27.18 10.87 -3.29
N ILE B 508 -27.44 10.63 -4.56
CA ILE B 508 -26.61 9.71 -5.31
C ILE B 508 -25.51 10.42 -6.10
N ASN B 509 -25.86 11.47 -6.82
CA ASN B 509 -24.84 12.16 -7.60
C ASN B 509 -23.93 13.00 -6.69
N HIS B 510 -24.50 13.57 -5.63
CA HIS B 510 -23.83 14.63 -4.87
C HIS B 510 -23.34 14.14 -3.49
N LEU B 511 -24.23 13.87 -2.55
CA LEU B 511 -23.78 13.50 -1.19
C LEU B 511 -23.06 12.15 -1.12
N SER B 512 -23.38 11.19 -2.02
CA SER B 512 -22.65 9.93 -2.05
CA SER B 512 -22.64 9.92 -2.02
C SER B 512 -21.19 10.16 -2.40
N GLU B 513 -20.95 11.12 -3.29
CA GLU B 513 -19.61 11.47 -3.68
C GLU B 513 -18.93 12.26 -2.56
N THR B 514 -19.67 13.18 -1.95
CA THR B 514 -19.16 13.89 -0.78
C THR B 514 -18.63 12.90 0.26
N ILE B 515 -19.49 11.99 0.71
CA ILE B 515 -19.17 11.02 1.75
C ILE B 515 -17.97 10.12 1.36
N LEU B 516 -17.98 9.62 0.12
CA LEU B 516 -16.94 8.73 -0.35
CA LEU B 516 -16.93 8.73 -0.36
C LEU B 516 -15.58 9.43 -0.33
N ALA B 517 -15.55 10.68 -0.80
CA ALA B 517 -14.33 11.46 -0.83
C ALA B 517 -13.81 11.73 0.57
N LEU B 518 -14.69 12.18 1.47
CA LEU B 518 -14.32 12.53 2.85
C LEU B 518 -13.89 11.33 3.70
N SER B 519 -14.34 10.15 3.29
CA SER B 519 -14.20 8.94 4.11
C SER B 519 -13.25 7.91 3.51
N GLN B 520 -12.40 8.32 2.57
CA GLN B 520 -11.33 7.46 2.08
C GLN B 520 -10.37 7.14 3.23
N GLY B 521 -10.02 5.87 3.38
CA GLY B 521 -9.23 5.42 4.53
C GLY B 521 -10.04 5.19 5.82
N ARG B 522 -11.29 5.64 5.83
CA ARG B 522 -12.17 5.53 6.99
C ARG B 522 -13.58 5.16 6.57
N PRO B 523 -13.78 4.01 5.92
CA PRO B 523 -15.12 3.65 5.45
C PRO B 523 -16.18 3.61 6.56
N GLN B 524 -15.74 3.42 7.80
CA GLN B 524 -16.67 3.37 8.94
C GLN B 524 -17.41 4.69 9.16
N LEU B 525 -16.84 5.79 8.69
CA LEU B 525 -17.48 7.10 8.77
C LEU B 525 -18.72 7.24 7.87
N ALA B 526 -18.78 6.47 6.77
CA ALA B 526 -19.92 6.53 5.84
C ALA B 526 -21.31 6.38 6.48
N PRO B 527 -21.59 5.24 7.17
CA PRO B 527 -22.92 5.12 7.81
C PRO B 527 -23.22 6.22 8.83
N LEU B 528 -22.20 6.72 9.51
CA LEU B 528 -22.38 7.81 10.45
C LEU B 528 -22.81 9.08 9.71
N MET B 529 -22.13 9.37 8.60
CA MET B 529 -22.50 10.50 7.75
C MET B 529 -23.91 10.35 7.22
N TRP B 530 -24.24 9.16 6.74
CA TRP B 530 -25.60 8.92 6.24
C TRP B 530 -26.65 9.08 7.34
N ARG B 531 -26.29 8.74 8.58
CA ARG B 531 -27.22 8.91 9.69
C ARG B 531 -27.49 10.38 9.96
N ARG B 532 -26.49 11.23 9.76
CA ARG B 532 -26.66 12.69 9.92
C ARG B 532 -27.55 13.25 8.81
N VAL B 533 -27.42 12.71 7.60
CA VAL B 533 -28.34 13.04 6.51
C VAL B 533 -29.77 12.78 7.00
N GLN B 534 -30.02 11.57 7.49
CA GLN B 534 -31.37 11.19 7.92
C GLN B 534 -31.90 12.11 9.03
N GLN B 535 -31.08 12.39 10.02
CA GLN B 535 -31.46 13.32 11.10
C GLN B 535 -31.79 14.71 10.54
N GLN B 536 -30.97 15.19 9.61
CA GLN B 536 -31.19 16.51 9.02
C GLN B 536 -32.50 16.58 8.22
N LEU B 537 -32.79 15.51 7.46
CA LEU B 537 -34.05 15.38 6.73
C LEU B 537 -35.27 15.50 7.65
N ARG B 538 -35.24 14.83 8.81
CA ARG B 538 -36.29 14.98 9.82
C ARG B 538 -36.42 16.43 10.28
N ALA B 539 -35.29 17.09 10.51
CA ALA B 539 -35.27 18.47 10.99
C ALA B 539 -35.90 19.40 9.94
N ILE B 540 -35.45 19.26 8.70
CA ILE B 540 -35.94 20.05 7.56
C ILE B 540 -37.44 19.88 7.41
N GLN B 541 -37.90 18.63 7.43
CA GLN B 541 -39.33 18.33 7.29
C GLN B 541 -40.19 19.10 8.30
N GLY B 542 -39.66 19.27 9.51
CA GLY B 542 -40.35 20.03 10.57
C GLY B 542 -40.53 21.50 10.25
N GLU B 543 -39.64 22.05 9.42
CA GLU B 543 -39.70 23.46 9.03
C GLU B 543 -40.66 23.68 7.85
N LEU B 544 -40.96 22.62 7.11
CA LEU B 544 -41.66 22.78 5.85
C LEU B 544 -43.05 23.34 6.05
N LYS B 545 -43.47 24.21 5.13
CA LYS B 545 -44.79 24.82 5.19
C LYS B 545 -45.83 24.03 4.39
N GLN B 546 -45.41 23.05 3.60
CA GLN B 546 -46.31 22.26 2.76
C GLN B 546 -46.11 20.74 2.97
N PRO B 547 -47.14 19.91 2.69
CA PRO B 547 -47.05 18.45 2.82
C PRO B 547 -45.85 17.86 2.09
N SER B 548 -45.17 16.92 2.74
CA SER B 548 -44.00 16.25 2.19
C SER B 548 -44.03 14.72 2.37
N PRO B 549 -45.08 14.05 1.83
CA PRO B 549 -45.13 12.60 2.00
C PRO B 549 -43.91 11.90 1.40
N GLU B 550 -43.37 12.47 0.33
CA GLU B 550 -42.20 11.90 -0.35
C GLU B 550 -40.98 11.85 0.56
N LEU B 551 -40.89 12.83 1.45
CA LEU B 551 -39.78 12.94 2.37
C LEU B 551 -39.95 11.96 3.55
N ASP B 552 -41.18 11.83 4.05
CA ASP B 552 -41.56 10.74 4.97
C ASP B 552 -41.02 9.39 4.48
N ALA B 553 -41.37 9.03 3.26
CA ALA B 553 -40.99 7.75 2.69
C ALA B 553 -39.48 7.59 2.58
N LEU B 554 -38.80 8.70 2.28
CA LEU B 554 -37.33 8.70 2.17
C LEU B 554 -36.68 8.50 3.55
N ILE B 555 -37.11 9.30 4.54
CA ILE B 555 -36.64 9.17 5.92
C ILE B 555 -36.90 7.76 6.44
N ALA B 556 -38.02 7.17 6.00
CA ALA B 556 -38.44 5.84 6.41
C ALA B 556 -37.55 4.71 5.89
N GLY B 557 -36.68 5.02 4.93
CA GLY B 557 -35.74 4.02 4.44
C GLY B 557 -36.14 3.36 3.13
N HIS B 558 -37.08 3.96 2.41
CA HIS B 558 -37.49 3.45 1.10
C HIS B 558 -36.41 3.74 0.01
N PRO B 559 -36.40 2.95 -1.09
CA PRO B 559 -35.42 3.08 -2.18
C PRO B 559 -35.25 4.49 -2.75
N VAL B 560 -34.08 4.74 -3.35
CA VAL B 560 -33.74 6.06 -3.86
C VAL B 560 -33.53 5.98 -5.36
N ALA B 561 -34.10 6.92 -6.10
CA ALA B 561 -33.97 6.96 -7.56
C ALA B 561 -32.57 7.33 -8.00
N CYS B 562 -32.10 6.60 -8.99
CA CYS B 562 -30.77 6.79 -9.51
C CYS B 562 -30.90 6.90 -11.02
N LYS B 563 -30.46 8.03 -11.55
CA LYS B 563 -30.40 8.23 -13.00
C LYS B 563 -29.33 7.33 -13.63
N THR B 564 -29.64 6.75 -14.79
CA THR B 564 -28.76 5.79 -15.43
C THR B 564 -28.05 6.44 -16.61
N ASN B 565 -26.82 6.89 -16.40
CA ASN B 565 -26.05 7.53 -17.48
C ASN B 565 -25.59 6.57 -18.59
N LEU B 566 -25.13 5.39 -18.21
CA LEU B 566 -24.74 4.38 -19.19
C LEU B 566 -25.91 3.95 -20.07
N LYS B 567 -27.06 3.67 -19.45
CA LYS B 567 -28.30 3.31 -20.18
C LYS B 567 -28.76 4.43 -21.12
N VAL B 568 -28.82 5.66 -20.61
CA VAL B 568 -29.06 6.86 -21.44
C VAL B 568 -28.21 6.86 -22.73
N ARG B 569 -26.90 6.66 -22.57
CA ARG B 569 -25.97 6.66 -23.71
C ARG B 569 -26.13 5.38 -24.56
N LEU B 570 -26.40 4.25 -23.92
CA LEU B 570 -26.74 3.01 -24.63
C LEU B 570 -27.98 3.19 -25.46
N ALA B 571 -28.96 3.91 -24.90
CA ALA B 571 -30.22 4.23 -25.58
C ALA B 571 -30.05 5.18 -26.75
N ALA B 572 -29.45 6.35 -26.49
CA ALA B 572 -29.32 7.45 -27.46
C ALA B 572 -30.69 7.81 -28.06
N ALA B 578 -34.28 9.90 -19.84
CA ALA B 578 -33.46 9.47 -18.71
C ALA B 578 -34.27 8.63 -17.71
N SER B 579 -34.05 7.31 -17.76
CA SER B 579 -34.72 6.39 -16.85
C SER B 579 -34.00 6.33 -15.51
N TYR B 580 -34.67 5.71 -14.54
CA TYR B 580 -34.21 5.61 -13.17
C TYR B 580 -34.33 4.17 -12.71
N VAL B 581 -33.30 3.69 -12.04
CA VAL B 581 -33.40 2.48 -11.23
C VAL B 581 -33.56 2.93 -9.79
N ARG B 582 -33.79 1.96 -8.91
CA ARG B 582 -33.89 2.24 -7.48
C ARG B 582 -32.73 1.58 -6.78
N LEU B 583 -32.22 2.27 -5.77
CA LEU B 583 -31.10 1.79 -4.98
C LEU B 583 -31.54 1.80 -3.54
N PRO B 584 -31.13 0.78 -2.76
CA PRO B 584 -31.51 0.69 -1.35
C PRO B 584 -31.00 1.87 -0.55
N SER B 585 -31.83 2.31 0.38
CA SER B 585 -31.50 3.42 1.28
C SER B 585 -30.26 3.11 2.13
N PRO B 586 -29.42 4.13 2.38
CA PRO B 586 -28.24 3.89 3.21
C PRO B 586 -28.59 3.68 4.67
N TRP B 587 -29.82 4.01 5.06
CA TRP B 587 -30.29 3.83 6.44
C TRP B 587 -31.56 2.99 6.56
PG ATP C . 24.15 -21.22 20.85
O1G ATP C . 24.13 -19.88 20.12
O2G ATP C . 23.03 -21.38 21.88
O3G ATP C . 25.50 -21.73 21.30
PB ATP C . 24.57 -22.80 18.42
O1B ATP C . 26.05 -22.99 18.69
O2B ATP C . 23.82 -23.94 17.77
O3B ATP C . 23.76 -22.36 19.76
PA ATP C . 25.20 -21.22 16.11
O1A ATP C . 25.70 -19.79 16.17
O2A ATP C . 26.18 -22.36 15.87
O3A ATP C . 24.33 -21.51 17.45
O5' ATP C . 24.09 -21.32 14.93
C5' ATP C . 23.05 -20.34 14.90
C4' ATP C . 21.66 -20.96 15.09
O4' ATP C . 20.71 -19.88 15.08
C3' ATP C . 21.23 -21.85 13.93
O3' ATP C . 20.33 -22.84 14.42
C2' ATP C . 20.51 -20.91 12.97
O2' ATP C . 19.48 -21.55 12.20
C1' ATP C . 19.89 -19.88 13.89
N9 ATP C . 19.76 -18.54 13.26
C8 ATP C . 18.63 -17.81 13.22
N7 ATP C . 18.84 -16.63 12.59
C5 ATP C . 20.13 -16.59 12.22
C6 ATP C . 20.99 -15.62 11.50
N6 ATP C . 20.50 -14.44 11.03
N1 ATP C . 22.28 -15.96 11.33
C2 ATP C . 22.78 -17.13 11.75
N3 ATP C . 22.05 -18.06 12.40
C4 ATP C . 20.74 -17.83 12.66
MG MG D . 25.10 -19.37 18.29
C1 GOL E . 6.17 -16.01 21.85
O1 GOL E . 6.72 -16.74 22.92
C2 GOL E . 6.77 -14.61 21.87
O2 GOL E . 7.97 -14.71 21.20
C3 GOL E . 5.87 -13.64 21.10
O3 GOL E . 5.63 -12.47 21.82
C1 GOL F . 13.45 -12.68 10.73
O1 GOL F . 14.36 -13.71 10.52
C2 GOL F . 12.98 -12.12 9.39
O2 GOL F . 11.72 -11.64 9.64
C3 GOL F . 13.94 -11.01 8.94
O3 GOL F . 13.31 -9.88 8.43
C1 GOL G . 21.19 -36.60 -10.62
O1 GOL G . 20.02 -36.61 -11.42
C2 GOL G . 21.20 -35.39 -9.70
O2 GOL G . 19.93 -35.17 -9.12
C3 GOL G . 21.62 -34.15 -10.50
O3 GOL G . 22.62 -33.41 -9.84
PG ATP H . -23.72 25.67 -16.77
O1G ATP H . -23.73 24.79 -15.53
O2G ATP H . -22.40 26.38 -16.94
O3G ATP H . -24.95 26.50 -17.00
PB ATP H . -24.68 23.48 -18.48
O1B ATP H . -24.09 22.91 -19.76
O2B ATP H . -26.08 24.01 -18.60
O3B ATP H . -23.66 24.67 -18.06
PA ATP H . -25.50 21.13 -17.00
O1A ATP H . -25.96 21.24 -15.56
O2A ATP H . -26.49 20.96 -18.16
O3A ATP H . -24.56 22.42 -17.28
O5' ATP H . -24.47 19.88 -17.19
C5' ATP H . -23.41 19.59 -16.30
C4' ATP H . -22.06 19.76 -17.01
O4' ATP H . -21.07 19.49 -16.01
C3' ATP H . -21.79 18.73 -18.10
O3' ATP H . -20.78 19.22 -19.00
C2' ATP H . -21.25 17.55 -17.31
O2' ATP H . -20.41 16.70 -18.10
C1' ATP H . -20.41 18.23 -16.23
N9 ATP H . -20.29 17.43 -14.98
C8 ATP H . -19.13 17.06 -14.41
N7 ATP H . -19.33 16.35 -13.27
C5 ATP H . -20.67 16.25 -13.11
C6 ATP H . -21.56 15.63 -12.12
N6 ATP H . -21.02 14.95 -11.08
N1 ATP H . -22.90 15.75 -12.29
C2 ATP H . -23.43 16.41 -13.34
N3 ATP H . -22.68 17.00 -14.30
C4 ATP H . -21.30 16.96 -14.24
MG MG I . -24.79 23.04 -14.94
C1 GOL J . -2.46 -7.70 -8.33
O1 GOL J . -1.08 -7.53 -8.38
C2 GOL J . -3.18 -6.65 -9.17
O2 GOL J . -3.47 -7.24 -10.40
C3 GOL J . -4.53 -6.26 -8.55
O3 GOL J . -4.32 -5.26 -7.60
C1 GOL K . -15.66 13.56 -9.30
O1 GOL K . -16.45 14.73 -9.14
C2 GOL K . -14.43 13.73 -10.22
O2 GOL K . -14.89 14.02 -11.47
C3 GOL K . -13.65 12.40 -10.36
O3 GOL K . -12.50 12.37 -9.55
C' X3J L . -26.19 13.61 -14.41
O1' X3J L . -27.37 14.02 -14.41
O2' X3J L . -25.67 12.85 -13.56
C1 X3J L . -25.25 14.05 -15.54
C3 X3J L . -30.22 18.30 -17.93
N3 X3J L . -30.93 19.53 -17.53
O3 X3J L . -27.07 14.29 -17.17
CM3 X3J L . -24.79 14.95 -17.80
O3' X3J L . -25.07 14.46 -18.92
C4 X3J L . -28.72 18.59 -17.95
N4 X3J L . -27.99 17.75 -16.98
C4' X3J L . -26.83 17.18 -17.31
CAP X3J L . -25.86 14.89 -16.69
O4 X3J L . -26.30 17.31 -18.43
CM4 X3J L . -26.18 16.33 -16.20
OAF X3J L . -23.69 15.46 -17.52
#